data_8VII
#
_entry.id   8VII
#
_cell.length_a   62.197
_cell.length_b   94.511
_cell.length_c   83.747
_cell.angle_alpha   90.000
_cell.angle_beta   100.160
_cell.angle_gamma   90.000
#
_symmetry.space_group_name_H-M   'P 1 21 1'
#
loop_
_entity.id
_entity.type
_entity.pdbx_description
1 polymer 'Sulfoxide synthase EgtB-IV'
2 non-polymer 'SODIUM ION'
3 non-polymer 'MANGANESE (II) ION'
4 non-polymer N,N,N-trimethyl-histidine
5 non-polymer CYSTEINE
6 non-polymer 1,2-ETHANEDIOL
7 water water
#
_entity_poly.entity_id   1
_entity_poly.type   'polypeptide(L)'
_entity_poly.pdbx_seq_one_letter_code
;MGSSHHHHHHSSGLVPRGSHMSFIKSQLPIFLNNCTQDSVINYFQNSWELENILMRSIIDDETFYINPDPLRNPLIFYLG
HSAAFYINKLIRVELLEKGINSDYEILFEFGVDPENAEELNQAIAHINWPDVRQVWDYRNKAYEVILEVIKNTTFDLPIH
ASHPLWALMMGMEHQRIHFETSSMLLRQLPTEKVEKPQGWQYAPSQGVPNTNKMILVEGGTVTLGKAKDNPLYGWDCEYG
DRLVKVDSFFASQYLVTNGEFLEFINRKGYETQSYWNEKSWQWKEENKVKNPKFWQFNNGKYSYRAMFDEIPLPLDWPVE
VNYYEAMAYCGWKGKGTRLMSEAEWNLAAYGSNDNYQVDIEKVNDYNLNLKFGSPSPVGLVKTAQSHSGLWDLRGNVWEW
LDENFHPLPGFEPHFLYEDNSAPFFDNNHKMMLGGAWVTQGTETLKYYRNWFRPNFYQHAGFRIVTNH
;
_entity_poly.pdbx_strand_id   A,B
#
# COMPACT_ATOMS: atom_id res chain seq x y z
N SER A 19 -1.74 11.99 41.20
CA SER A 19 -1.60 13.31 40.61
C SER A 19 -0.92 13.24 39.24
N HIS A 20 -1.33 14.13 38.35
CA HIS A 20 -0.72 14.16 37.03
C HIS A 20 -0.72 15.61 36.57
N MET A 21 -0.30 15.85 35.33
CA MET A 21 -0.22 17.23 34.86
C MET A 21 -1.62 17.83 34.81
N SER A 22 -1.76 19.06 35.33
CA SER A 22 -3.04 19.76 35.47
C SER A 22 -3.00 21.22 35.06
N PHE A 23 -1.86 21.89 35.21
CA PHE A 23 -1.82 23.34 35.08
C PHE A 23 -1.89 23.79 33.63
N ILE A 24 -1.41 22.96 32.70
CA ILE A 24 -1.61 23.17 31.27
C ILE A 24 -2.67 22.17 30.83
N LYS A 25 -3.78 22.67 30.29
CA LYS A 25 -4.96 21.84 30.06
C LYS A 25 -5.36 21.86 28.58
N SER A 26 -5.68 20.69 28.05
CA SER A 26 -6.13 20.54 26.67
C SER A 26 -7.60 20.15 26.63
N GLN A 27 -8.42 20.92 25.91
CA GLN A 27 -9.84 20.60 25.80
C GLN A 27 -10.07 19.38 24.94
N LEU A 28 -11.00 18.53 25.37
CA LEU A 28 -11.36 17.34 24.61
C LEU A 28 -12.06 17.71 23.30
N PRO A 29 -12.01 16.83 22.30
CA PRO A 29 -12.72 17.10 21.03
C PRO A 29 -14.23 17.06 21.24
N ILE A 30 -14.96 17.60 20.26
CA ILE A 30 -16.40 17.82 20.34
C ILE A 30 -17.08 17.10 19.17
N PHE A 31 -18.17 16.39 19.45
CA PHE A 31 -18.94 15.78 18.37
C PHE A 31 -19.48 16.86 17.44
N LEU A 32 -19.56 16.52 16.14
CA LEU A 32 -20.04 17.46 15.12
C LEU A 32 -21.48 17.91 15.40
N ASN A 33 -22.26 17.10 16.11
CA ASN A 33 -23.62 17.49 16.47
C ASN A 33 -23.68 18.43 17.66
N ASN A 34 -22.53 18.67 18.29
CA ASN A 34 -22.41 19.55 19.45
C ASN A 34 -21.47 20.70 19.18
N CYS A 35 -21.08 20.91 17.93
CA CYS A 35 -20.15 21.96 17.56
C CYS A 35 -20.85 23.32 17.48
N THR A 36 -21.38 23.74 18.63
CA THR A 36 -21.96 25.09 18.74
C THR A 36 -20.86 26.14 18.60
N GLN A 37 -21.28 27.34 18.20
CA GLN A 37 -20.33 28.44 18.08
C GLN A 37 -19.53 28.64 19.37
N ASP A 38 -20.21 28.60 20.53
CA ASP A 38 -19.50 28.87 21.78
C ASP A 38 -18.50 27.76 22.11
N SER A 39 -18.90 26.50 21.95
CA SER A 39 -17.97 25.41 22.21
C SER A 39 -16.79 25.43 21.25
N VAL A 40 -17.03 25.77 19.98
CA VAL A 40 -15.95 25.80 19.01
C VAL A 40 -15.00 26.96 19.27
N ILE A 41 -15.54 28.12 19.67
CA ILE A 41 -14.68 29.23 20.08
C ILE A 41 -13.70 28.77 21.17
N ASN A 42 -14.21 28.07 22.19
CA ASN A 42 -13.34 27.61 23.27
C ASN A 42 -12.30 26.63 22.75
N TYR A 43 -12.71 25.70 21.88
CA TYR A 43 -11.78 24.70 21.38
C TYR A 43 -10.71 25.32 20.49
N PHE A 44 -11.11 26.31 19.70
CA PHE A 44 -10.17 27.03 18.84
C PHE A 44 -9.14 27.77 19.68
N GLN A 45 -9.62 28.55 20.66
CA GLN A 45 -8.71 29.28 21.54
C GLN A 45 -7.73 28.35 22.22
N ASN A 46 -8.20 27.18 22.65
CA ASN A 46 -7.33 26.23 23.34
C ASN A 46 -6.30 25.62 22.40
N SER A 47 -6.72 25.23 21.19
CA SER A 47 -5.78 24.73 20.17
C SER A 47 -4.63 25.69 19.97
N TRP A 48 -4.97 26.97 19.81
CA TRP A 48 -3.99 28.01 19.49
C TRP A 48 -3.11 28.37 20.69
N GLU A 49 -3.72 28.55 21.87
CA GLU A 49 -2.93 28.88 23.05
C GLU A 49 -1.93 27.77 23.40
N LEU A 50 -2.34 26.51 23.26
CA LEU A 50 -1.39 25.41 23.48
C LEU A 50 -0.18 25.54 22.55
N GLU A 51 -0.41 25.79 21.25
CA GLU A 51 0.74 25.89 20.34
C GLU A 51 1.58 27.11 20.67
N ASN A 52 0.94 28.20 21.10
CA ASN A 52 1.68 29.38 21.53
C ASN A 52 2.58 29.05 22.73
N ILE A 53 2.07 28.29 23.70
CA ILE A 53 2.87 27.95 24.88
C ILE A 53 4.10 27.16 24.47
N LEU A 54 3.93 26.19 23.57
CA LEU A 54 5.06 25.40 23.08
C LEU A 54 6.08 26.28 22.35
N MET A 55 5.61 27.15 21.46
CA MET A 55 6.56 27.92 20.66
C MET A 55 7.28 28.96 21.51
N ARG A 56 6.60 29.48 22.55
CA ARG A 56 7.23 30.44 23.47
C ARG A 56 8.30 29.78 24.34
N SER A 57 8.39 28.46 24.35
CA SER A 57 9.45 27.85 25.16
C SER A 57 10.82 27.96 24.51
N ILE A 58 10.92 28.36 23.25
CA ILE A 58 12.22 28.66 22.66
C ILE A 58 12.74 30.02 23.18
N ILE A 59 13.92 30.01 23.81
CA ILE A 59 14.38 31.21 24.53
C ILE A 59 14.81 32.32 23.56
N ASP A 60 15.68 32.00 22.62
CA ASP A 60 16.28 32.98 21.72
C ASP A 60 15.66 32.89 20.34
N ASP A 61 15.29 34.04 19.77
CA ASP A 61 14.65 34.01 18.46
C ASP A 61 15.57 33.40 17.38
N GLU A 62 16.89 33.52 17.51
CA GLU A 62 17.77 32.95 16.49
C GLU A 62 17.65 31.43 16.39
N THR A 63 17.23 30.78 17.47
CA THR A 63 17.01 29.34 17.46
C THR A 63 15.94 28.91 16.46
N PHE A 64 15.05 29.83 16.05
CA PHE A 64 14.02 29.45 15.08
C PHE A 64 14.59 29.15 13.69
N TYR A 65 15.85 29.54 13.41
CA TYR A 65 16.44 29.23 12.11
C TYR A 65 17.17 27.90 12.09
N ILE A 66 17.25 27.22 13.23
CA ILE A 66 17.75 25.86 13.30
C ILE A 66 16.66 24.90 12.84
N ASN A 67 17.04 23.86 12.09
CA ASN A 67 16.15 22.74 11.83
C ASN A 67 16.66 21.57 12.67
N PRO A 68 16.18 21.41 13.90
CA PRO A 68 16.81 20.44 14.82
C PRO A 68 16.69 19.01 14.35
N ASP A 69 15.60 18.64 13.66
CA ASP A 69 15.50 17.36 12.98
C ASP A 69 16.01 17.54 11.56
N PRO A 70 17.04 16.82 11.13
CA PRO A 70 17.61 17.07 9.79
C PRO A 70 16.66 16.71 8.65
N LEU A 71 15.52 16.08 8.93
CA LEU A 71 14.55 15.74 7.91
C LEU A 71 13.32 16.63 7.96
N ARG A 72 13.35 17.71 8.74
CA ARG A 72 12.22 18.64 8.75
C ARG A 72 12.72 20.07 8.58
N ASN A 73 11.78 20.96 8.35
CA ASN A 73 12.10 22.36 8.07
C ASN A 73 12.62 23.06 9.32
N PRO A 74 13.23 24.25 9.17
CA PRO A 74 13.55 25.05 10.36
C PRO A 74 12.29 25.45 11.13
N LEU A 75 12.49 25.68 12.44
CA LEU A 75 11.38 25.94 13.35
C LEU A 75 10.55 27.14 12.95
N ILE A 76 11.17 28.14 12.29
CA ILE A 76 10.43 29.32 11.85
C ILE A 76 9.30 28.92 10.91
N PHE A 77 9.51 27.87 10.08
CA PHE A 77 8.45 27.41 9.19
C PHE A 77 7.25 26.94 9.99
N TYR A 78 7.49 26.15 11.06
CA TYR A 78 6.37 25.63 11.82
C TYR A 78 5.68 26.71 12.66
N LEU A 79 6.40 27.78 13.03
CA LEU A 79 5.74 28.90 13.69
C LEU A 79 4.68 29.53 12.78
N GLY A 80 4.96 29.62 11.48
CA GLY A 80 3.99 30.21 10.59
C GLY A 80 2.96 29.25 9.99
N HIS A 81 3.35 27.99 9.84
CA HIS A 81 2.58 27.02 9.04
C HIS A 81 1.18 26.72 9.59
N SER A 82 1.04 26.60 10.92
CA SER A 82 -0.30 26.28 11.46
C SER A 82 -1.28 27.41 11.17
N ALA A 83 -0.79 28.64 11.27
CA ALA A 83 -1.64 29.80 10.98
C ALA A 83 -1.99 29.87 9.51
N ALA A 84 -0.99 29.74 8.63
CA ALA A 84 -1.22 29.79 7.20
C ALA A 84 -2.20 28.71 6.74
N PHE A 85 -2.11 27.51 7.32
CA PHE A 85 -3.01 26.44 6.92
C PHE A 85 -4.47 26.80 7.20
N TYR A 86 -4.77 27.36 8.38
CA TYR A 86 -6.13 27.80 8.67
C TYR A 86 -6.61 28.76 7.59
N ILE A 87 -5.79 29.76 7.28
CA ILE A 87 -6.18 30.81 6.35
C ILE A 87 -6.42 30.21 4.95
N ASN A 88 -5.49 29.37 4.49
CA ASN A 88 -5.59 28.78 3.16
C ASN A 88 -6.85 27.94 3.01
N LYS A 89 -7.22 27.16 4.03
CA LYS A 89 -8.41 26.32 3.90
C LYS A 89 -9.70 27.14 4.01
N LEU A 90 -9.70 28.22 4.81
CA LEU A 90 -10.89 29.05 4.92
C LEU A 90 -11.11 29.85 3.63
N ILE A 91 -10.03 30.24 2.97
CA ILE A 91 -10.13 30.84 1.64
C ILE A 91 -10.71 29.83 0.65
N ARG A 92 -10.26 28.58 0.73
CA ARG A 92 -10.68 27.57 -0.25
C ARG A 92 -12.19 27.32 -0.18
N VAL A 93 -12.78 27.29 1.02
CA VAL A 93 -14.23 27.13 1.15
C VAL A 93 -14.97 28.43 1.06
N GLU A 94 -14.28 29.55 0.86
CA GLU A 94 -14.87 30.87 0.68
C GLU A 94 -15.50 31.40 1.98
N LEU A 95 -15.04 30.94 3.14
CA LEU A 95 -15.41 31.57 4.40
C LEU A 95 -14.59 32.81 4.67
N LEU A 96 -13.45 32.95 3.98
CA LEU A 96 -12.62 34.13 4.02
C LEU A 96 -12.52 34.67 2.60
N GLU A 97 -12.66 35.99 2.45
CA GLU A 97 -12.59 36.59 1.12
C GLU A 97 -11.18 37.01 0.74
N LYS A 98 -10.27 37.10 1.71
CA LYS A 98 -8.85 37.33 1.43
C LYS A 98 -8.04 36.79 2.60
N GLY A 99 -6.75 36.58 2.35
CA GLY A 99 -5.81 36.17 3.37
C GLY A 99 -5.22 37.36 4.12
N ILE A 100 -4.13 37.10 4.83
CA ILE A 100 -3.47 38.11 5.64
C ILE A 100 -2.15 38.56 5.03
N ASN A 101 -1.41 37.64 4.43
CA ASN A 101 -0.14 37.93 3.78
C ASN A 101 0.05 36.87 2.70
N SER A 102 -0.19 37.25 1.44
CA SER A 102 -0.18 36.26 0.37
C SER A 102 1.17 35.57 0.24
N ASP A 103 2.25 36.31 0.46
CA ASP A 103 3.58 35.70 0.36
C ASP A 103 3.79 34.66 1.45
N TYR A 104 3.31 34.95 2.67
CA TYR A 104 3.49 33.99 3.77
C TYR A 104 2.58 32.77 3.57
N GLU A 105 1.35 32.99 3.09
CA GLU A 105 0.46 31.86 2.81
C GLU A 105 1.05 30.89 1.81
N ILE A 106 1.91 31.38 0.90
CA ILE A 106 2.65 30.51 -0.01
C ILE A 106 3.88 29.92 0.68
N LEU A 107 4.67 30.78 1.33
CA LEU A 107 5.90 30.32 1.98
C LEU A 107 5.65 29.26 3.03
N PHE A 108 4.60 29.43 3.83
CA PHE A 108 4.28 28.50 4.90
C PHE A 108 3.22 27.48 4.52
N GLU A 109 2.97 27.26 3.22
CA GLU A 109 1.82 26.47 2.77
C GLU A 109 1.95 24.99 3.12
N PHE A 110 3.05 24.37 2.71
CA PHE A 110 3.19 22.93 2.94
C PHE A 110 4.60 22.58 3.39
N GLY A 111 4.68 21.53 4.21
CA GLY A 111 5.93 21.05 4.78
C GLY A 111 6.60 19.99 3.93
N VAL A 112 7.32 19.09 4.59
CA VAL A 112 8.25 18.19 3.92
C VAL A 112 8.17 16.78 4.51
N ASP A 113 8.53 15.81 3.68
CA ASP A 113 8.68 14.41 4.11
C ASP A 113 9.81 13.81 3.27
N PRO A 114 11.03 14.30 3.42
CA PRO A 114 12.13 13.89 2.54
C PRO A 114 12.65 12.50 2.84
N GLU A 115 13.17 11.87 1.78
CA GLU A 115 13.85 10.59 1.91
C GLU A 115 15.22 10.73 2.58
N ASN A 116 15.87 11.89 2.47
CA ASN A 116 17.17 12.07 3.11
C ASN A 116 17.42 13.55 3.39
N ALA A 117 18.41 13.80 4.25
CA ALA A 117 18.74 15.17 4.65
C ALA A 117 19.30 16.00 3.51
N GLU A 118 20.00 15.38 2.54
CA GLU A 118 20.57 16.16 1.45
C GLU A 118 19.48 16.72 0.53
N GLU A 119 18.40 15.94 0.32
CA GLU A 119 17.28 16.43 -0.47
C GLU A 119 16.63 17.65 0.17
N LEU A 120 16.50 17.62 1.50
CA LEU A 120 15.90 18.74 2.21
C LEU A 120 16.85 19.94 2.22
N ASN A 121 18.12 19.70 2.51
CA ASN A 121 19.11 20.77 2.49
C ASN A 121 19.12 21.50 1.15
N GLN A 122 19.01 20.75 0.04
CA GLN A 122 18.95 21.39 -1.27
C GLN A 122 17.69 22.23 -1.40
N ALA A 123 16.58 21.76 -0.82
CA ALA A 123 15.31 22.47 -0.92
C ALA A 123 15.28 23.75 -0.10
N ILE A 124 15.94 23.77 1.06
CA ILE A 124 15.87 24.92 1.96
C ILE A 124 17.11 25.82 1.84
N ALA A 125 18.00 25.53 0.89
CA ALA A 125 19.28 26.23 0.82
C ALA A 125 19.10 27.72 0.54
N HIS A 126 18.19 28.07 -0.36
CA HIS A 126 18.08 29.44 -0.85
C HIS A 126 16.77 30.12 -0.44
N ILE A 127 16.20 29.73 0.71
CA ILE A 127 14.98 30.35 1.19
C ILE A 127 15.33 31.52 2.12
N ASN A 128 14.75 32.69 1.84
CA ASN A 128 14.88 33.83 2.72
C ASN A 128 13.70 33.79 3.70
N TRP A 129 13.98 33.45 4.95
CA TRP A 129 12.91 33.35 5.93
C TRP A 129 12.61 34.73 6.53
N PRO A 130 11.37 34.98 6.94
CA PRO A 130 11.07 36.23 7.63
C PRO A 130 11.67 36.26 9.04
N ASP A 131 11.65 37.46 9.64
CA ASP A 131 12.04 37.59 11.03
C ASP A 131 11.03 36.92 11.95
N VAL A 132 11.52 36.40 13.08
CA VAL A 132 10.66 35.76 14.07
C VAL A 132 9.52 36.70 14.50
N ARG A 133 9.83 37.97 14.74
CA ARG A 133 8.78 38.90 15.14
C ARG A 133 7.72 39.07 14.06
N GLN A 134 8.12 39.03 12.79
CA GLN A 134 7.15 39.15 11.70
C GLN A 134 6.23 37.94 11.64
N VAL A 135 6.75 36.76 11.95
CA VAL A 135 5.90 35.56 11.92
C VAL A 135 4.95 35.55 13.11
N TRP A 136 5.43 36.00 14.29
CA TRP A 136 4.51 36.13 15.43
C TRP A 136 3.40 37.14 15.11
N ASP A 137 3.75 38.25 14.45
CA ASP A 137 2.74 39.22 14.06
C ASP A 137 1.72 38.59 13.11
N TYR A 138 2.19 37.77 12.17
CA TYR A 138 1.30 37.04 11.26
C TYR A 138 0.36 36.13 12.03
N ARG A 139 0.91 35.36 12.98
CA ARG A 139 0.05 34.50 13.80
C ARG A 139 -1.04 35.29 14.49
N ASN A 140 -0.66 36.41 15.13
CA ASN A 140 -1.63 37.17 15.91
C ASN A 140 -2.73 37.74 15.03
N LYS A 141 -2.39 38.21 13.83
CA LYS A 141 -3.41 38.72 12.91
C LYS A 141 -4.32 37.61 12.44
N ALA A 142 -3.75 36.45 12.11
CA ALA A 142 -4.55 35.31 11.67
C ALA A 142 -5.53 34.88 12.74
N TYR A 143 -5.04 34.79 13.98
CA TYR A 143 -5.91 34.42 15.09
C TYR A 143 -7.14 35.33 15.16
N GLU A 144 -6.93 36.65 15.04
CA GLU A 144 -8.06 37.56 15.17
C GLU A 144 -9.01 37.45 13.98
N VAL A 145 -8.47 37.26 12.78
CA VAL A 145 -9.28 37.09 11.58
C VAL A 145 -10.14 35.83 11.68
N ILE A 146 -9.54 34.73 12.15
CA ILE A 146 -10.31 33.49 12.25
C ILE A 146 -11.37 33.58 13.33
N LEU A 147 -11.01 34.18 14.48
CA LEU A 147 -11.98 34.34 15.55
C LEU A 147 -13.19 35.16 15.10
N GLU A 148 -12.96 36.17 14.25
CA GLU A 148 -14.08 36.94 13.74
C GLU A 148 -14.92 36.14 12.76
N VAL A 149 -14.29 35.28 11.95
CA VAL A 149 -15.06 34.38 11.10
C VAL A 149 -15.96 33.49 11.95
N ILE A 150 -15.41 32.96 13.04
CA ILE A 150 -16.20 32.08 13.90
C ILE A 150 -17.39 32.83 14.49
N LYS A 151 -17.14 34.04 14.98
CA LYS A 151 -18.21 34.80 15.63
C LYS A 151 -19.29 35.25 14.67
N ASN A 152 -18.98 35.37 13.38
CA ASN A 152 -19.92 35.88 12.38
C ASN A 152 -20.54 34.79 11.52
N THR A 153 -20.24 33.52 11.76
CA THR A 153 -20.79 32.41 10.99
C THR A 153 -21.82 31.65 11.81
N THR A 154 -22.95 31.33 11.18
CA THR A 154 -23.96 30.49 11.83
C THR A 154 -23.46 29.06 11.91
N PHE A 155 -23.49 28.50 13.12
CA PHE A 155 -23.14 27.08 13.31
C PHE A 155 -24.44 26.29 13.32
N ASP A 156 -24.92 25.95 12.12
CA ASP A 156 -26.16 25.19 11.97
C ASP A 156 -25.83 23.71 12.17
N LEU A 157 -26.27 23.16 13.31
CA LEU A 157 -25.92 21.79 13.64
C LEU A 157 -26.77 20.82 12.82
N PRO A 158 -26.21 19.68 12.42
CA PRO A 158 -24.81 19.29 12.66
C PRO A 158 -23.83 19.72 11.56
N ILE A 159 -22.58 19.93 11.96
CA ILE A 159 -21.54 20.13 10.97
C ILE A 159 -21.21 18.79 10.32
N HIS A 160 -20.68 18.84 9.10
CA HIS A 160 -20.40 17.63 8.33
C HIS A 160 -19.41 17.94 7.22
N ALA A 161 -18.99 16.90 6.47
CA ALA A 161 -17.87 17.04 5.55
C ALA A 161 -18.19 17.88 4.33
N SER A 162 -19.47 18.09 4.00
CA SER A 162 -19.85 19.01 2.93
C SER A 162 -20.27 20.37 3.45
N HIS A 163 -20.04 20.65 4.70
CA HIS A 163 -20.32 21.95 5.29
C HIS A 163 -19.08 22.82 5.21
N PRO A 164 -19.20 24.11 4.87
CA PRO A 164 -18.00 24.97 4.81
C PRO A 164 -17.17 24.93 6.09
N LEU A 165 -17.78 24.76 7.26
CA LEU A 165 -17.03 24.77 8.51
C LEU A 165 -16.12 23.56 8.68
N TRP A 166 -16.23 22.56 7.79
CA TRP A 166 -15.21 21.49 7.77
C TRP A 166 -13.80 22.06 7.64
N ALA A 167 -13.65 23.19 6.94
CA ALA A 167 -12.34 23.81 6.81
C ALA A 167 -11.80 24.23 8.16
N LEU A 168 -12.67 24.74 9.03
CA LEU A 168 -12.22 25.14 10.35
C LEU A 168 -11.89 23.92 11.21
N MET A 169 -12.73 22.90 11.13
CA MET A 169 -12.46 21.70 11.93
C MET A 169 -11.13 21.11 11.51
N MET A 170 -10.85 21.12 10.19
CA MET A 170 -9.61 20.57 9.68
C MET A 170 -8.42 21.42 10.13
N GLY A 171 -8.57 22.75 10.15
CA GLY A 171 -7.50 23.61 10.64
C GLY A 171 -7.16 23.40 12.10
N MET A 172 -8.18 23.18 12.95
CA MET A 172 -7.86 22.97 14.36
C MET A 172 -7.20 21.64 14.64
N GLU A 173 -7.61 20.57 13.96
CA GLU A 173 -6.88 19.31 14.15
C GLU A 173 -5.46 19.39 13.59
N HIS A 174 -5.28 20.09 12.46
CA HIS A 174 -3.95 20.26 11.89
C HIS A 174 -3.02 20.97 12.89
N GLN A 175 -3.53 22.00 13.58
CA GLN A 175 -2.73 22.71 14.57
C GLN A 175 -2.35 21.80 15.73
N ARG A 176 -3.30 21.00 16.21
CA ARG A 176 -2.99 20.12 17.33
C ARG A 176 -1.99 19.05 16.90
N ILE A 177 -2.10 18.55 15.67
CA ILE A 177 -1.09 17.61 15.15
C ILE A 177 0.28 18.26 15.14
N HIS A 178 0.36 19.52 14.71
CA HIS A 178 1.67 20.18 14.73
C HIS A 178 2.15 20.53 16.14
N PHE A 179 1.27 20.69 17.15
CA PHE A 179 1.78 20.75 18.52
C PHE A 179 2.59 19.47 18.80
N GLU A 180 2.05 18.32 18.44
CA GLU A 180 2.73 17.05 18.70
C GLU A 180 4.01 16.95 17.89
N THR A 181 3.95 17.18 16.57
CA THR A 181 5.18 16.95 15.80
C THR A 181 6.24 18.01 16.09
N SER A 182 5.82 19.26 16.34
CA SER A 182 6.79 20.27 16.77
C SER A 182 7.40 19.96 18.13
N SER A 183 6.66 19.34 19.05
CA SER A 183 7.29 19.03 20.32
C SER A 183 8.49 18.13 20.12
N MET A 184 8.46 17.28 19.08
CA MET A 184 9.58 16.38 18.82
C MET A 184 10.76 17.17 18.26
N LEU A 185 10.48 18.29 17.57
CA LEU A 185 11.59 19.14 17.10
C LEU A 185 12.25 19.87 18.27
N LEU A 186 11.45 20.44 19.17
CA LEU A 186 12.04 21.15 20.30
C LEU A 186 12.82 20.22 21.19
N ARG A 187 12.40 18.95 21.28
CA ARG A 187 13.12 17.97 22.09
C ARG A 187 14.52 17.70 21.54
N GLN A 188 14.72 17.98 20.25
CA GLN A 188 16.02 17.80 19.60
C GLN A 188 16.91 19.03 19.71
N LEU A 189 16.41 20.13 20.30
CA LEU A 189 17.27 21.25 20.64
C LEU A 189 18.00 20.95 21.93
N PRO A 190 19.19 21.52 22.13
CA PRO A 190 19.84 21.43 23.45
C PRO A 190 18.96 22.03 24.55
N THR A 191 19.09 21.46 25.76
CA THR A 191 18.25 21.91 26.87
C THR A 191 18.45 23.40 27.16
N GLU A 192 19.67 23.91 26.96
CA GLU A 192 19.91 25.32 27.25
C GLU A 192 19.15 26.26 26.31
N LYS A 193 18.61 25.75 25.21
CA LYS A 193 17.92 26.59 24.24
C LYS A 193 16.41 26.67 24.50
N VAL A 194 15.87 25.90 25.44
CA VAL A 194 14.44 25.88 25.69
C VAL A 194 14.19 26.07 27.18
N GLU A 195 12.98 26.53 27.49
CA GLU A 195 12.55 26.81 28.87
C GLU A 195 11.22 26.09 29.14
N LYS A 196 11.21 25.24 30.16
CA LYS A 196 10.00 24.49 30.51
C LYS A 196 8.83 25.41 30.89
N PRO A 197 7.68 25.31 30.23
CA PRO A 197 6.51 26.11 30.63
C PRO A 197 6.06 25.77 32.04
N GLN A 198 5.55 26.78 32.74
CA GLN A 198 4.98 26.56 34.07
C GLN A 198 3.93 25.47 34.05
N GLY A 199 4.08 24.50 34.93
CA GLY A 199 3.12 23.43 35.04
C GLY A 199 3.36 22.23 34.15
N TRP A 200 4.41 22.25 33.31
CA TRP A 200 4.75 21.03 32.60
C TRP A 200 5.21 20.00 33.61
N GLN A 201 4.63 18.81 33.55
CA GLN A 201 4.84 17.81 34.58
C GLN A 201 5.11 16.46 33.94
N TYR A 202 6.31 15.92 34.18
CA TYR A 202 6.65 14.58 33.74
C TYR A 202 6.03 13.54 34.67
N ALA A 203 5.80 12.35 34.13
CA ALA A 203 5.37 11.22 34.94
C ALA A 203 6.47 10.83 35.93
N PRO A 204 6.11 10.14 37.00
CA PRO A 204 7.14 9.62 37.91
C PRO A 204 8.01 8.60 37.19
N SER A 205 9.30 8.60 37.51
CA SER A 205 10.27 7.95 36.65
C SER A 205 11.05 6.84 37.34
N GLN A 206 11.26 6.93 38.66
CA GLN A 206 11.77 5.79 39.40
C GLN A 206 10.83 4.60 39.23
N GLY A 207 11.39 3.41 39.29
CA GLY A 207 10.61 2.22 39.00
C GLY A 207 11.32 1.28 38.05
N VAL A 208 11.52 0.04 38.47
CA VAL A 208 12.04 -1.01 37.62
C VAL A 208 10.82 -1.67 36.99
N PRO A 209 10.87 -2.12 35.74
CA PRO A 209 9.67 -2.69 35.10
C PRO A 209 9.26 -4.02 35.72
N ASN A 210 7.96 -4.31 35.62
CA ASN A 210 7.42 -5.61 35.96
C ASN A 210 7.64 -6.57 34.79
N THR A 211 7.49 -7.86 35.08
CA THR A 211 7.50 -8.87 34.02
C THR A 211 6.52 -8.49 32.92
N ASN A 212 6.99 -8.55 31.68
CA ASN A 212 6.16 -8.24 30.49
C ASN A 212 5.59 -9.51 29.86
N LYS A 213 4.47 -9.97 30.43
CA LYS A 213 3.90 -11.23 30.02
C LYS A 213 3.25 -11.14 28.63
N MET A 214 3.38 -12.23 27.87
CA MET A 214 2.65 -12.37 26.59
C MET A 214 1.20 -12.80 26.84
N ILE A 215 0.27 -12.06 26.27
CA ILE A 215 -1.18 -12.28 26.44
C ILE A 215 -1.78 -12.80 25.13
N LEU A 216 -2.57 -13.87 25.23
CA LEU A 216 -3.29 -14.36 24.06
C LEU A 216 -4.46 -13.44 23.75
N VAL A 217 -4.46 -12.88 22.55
CA VAL A 217 -5.58 -12.09 22.06
C VAL A 217 -6.42 -13.00 21.18
N GLU A 218 -7.66 -13.29 21.62
CA GLU A 218 -8.51 -14.20 20.88
C GLU A 218 -8.88 -13.61 19.53
N GLY A 219 -8.75 -14.41 18.48
CA GLY A 219 -9.08 -13.92 17.15
C GLY A 219 -10.56 -13.60 16.98
N GLY A 220 -10.82 -12.72 16.03
CA GLY A 220 -12.19 -12.36 15.67
C GLY A 220 -12.14 -11.49 14.43
N THR A 221 -13.28 -10.91 14.09
CA THR A 221 -13.40 -10.09 12.87
C THR A 221 -13.52 -8.62 13.28
N VAL A 222 -12.84 -7.76 12.54
CA VAL A 222 -12.95 -6.33 12.78
C VAL A 222 -13.41 -5.69 11.47
N THR A 223 -14.05 -4.53 11.61
CA THR A 223 -14.33 -3.67 10.48
C THR A 223 -13.50 -2.41 10.69
N LEU A 224 -12.58 -2.16 9.77
CA LEU A 224 -11.77 -0.96 9.81
C LEU A 224 -12.48 0.12 9.04
N GLY A 225 -12.18 1.36 9.38
CA GLY A 225 -12.69 2.50 8.63
C GLY A 225 -13.70 3.30 9.44
N LYS A 226 -14.20 4.32 8.78
CA LYS A 226 -15.12 5.25 9.37
C LYS A 226 -16.20 5.52 8.35
N ALA A 227 -17.46 5.58 8.80
CA ALA A 227 -18.58 5.92 7.94
C ALA A 227 -18.61 7.40 7.63
N LYS A 228 -19.08 7.73 6.42
CA LYS A 228 -19.05 9.11 5.96
C LYS A 228 -19.89 10.01 6.84
N ASP A 229 -20.99 9.52 7.41
CA ASP A 229 -21.81 10.37 8.25
C ASP A 229 -21.55 10.19 9.75
N ASN A 230 -20.40 9.63 10.12
CA ASN A 230 -20.03 9.57 11.53
C ASN A 230 -19.88 11.00 12.04
N PRO A 231 -20.49 11.37 13.21
CA PRO A 231 -20.49 12.77 13.65
C PRO A 231 -19.21 13.22 14.37
N LEU A 232 -18.06 12.95 13.76
CA LEU A 232 -16.77 13.37 14.28
C LEU A 232 -15.89 13.83 13.11
N TYR A 233 -15.16 14.92 13.30
CA TYR A 233 -14.21 15.32 12.26
C TYR A 233 -13.21 14.18 12.04
N GLY A 234 -12.87 13.92 10.77
CA GLY A 234 -11.74 13.05 10.46
C GLY A 234 -11.13 13.38 9.12
N TRP A 235 -9.91 12.88 8.90
CA TRP A 235 -9.15 13.06 7.68
C TRP A 235 -9.54 12.01 6.64
N ASP A 236 -9.36 12.32 5.36
CA ASP A 236 -9.83 11.41 4.28
C ASP A 236 -9.40 9.96 4.50
N CYS A 237 -8.14 9.70 4.85
CA CYS A 237 -7.65 8.33 4.93
C CYS A 237 -8.29 7.54 6.06
N GLU A 238 -9.08 8.18 6.93
CA GLU A 238 -9.75 7.47 8.00
C GLU A 238 -10.99 6.74 7.50
N TYR A 239 -11.53 7.16 6.36
CA TYR A 239 -12.84 6.70 5.88
C TYR A 239 -12.74 5.49 4.97
N GLY A 240 -13.77 4.68 5.02
CA GLY A 240 -13.85 3.49 4.18
C GLY A 240 -14.37 2.37 5.01
N ASP A 241 -14.27 1.15 4.49
CA ASP A 241 -14.91 0.03 5.18
C ASP A 241 -14.15 -1.22 4.76
N ARG A 242 -13.56 -1.92 5.72
CA ARG A 242 -12.78 -3.11 5.40
C ARG A 242 -12.97 -4.14 6.48
N LEU A 243 -13.55 -5.28 6.10
CA LEU A 243 -13.72 -6.40 7.00
C LEU A 243 -12.45 -7.23 6.99
N VAL A 244 -11.88 -7.51 8.17
CA VAL A 244 -10.69 -8.35 8.27
C VAL A 244 -10.92 -9.44 9.32
N LYS A 245 -10.74 -10.68 8.91
CA LYS A 245 -10.66 -11.79 9.86
C LYS A 245 -9.25 -11.86 10.45
N VAL A 246 -9.16 -11.76 11.77
CA VAL A 246 -7.88 -11.76 12.48
C VAL A 246 -7.76 -13.04 13.28
N ASP A 247 -6.71 -13.82 13.00
CA ASP A 247 -6.42 -15.02 13.78
C ASP A 247 -5.91 -14.64 15.18
N SER A 248 -6.06 -15.56 16.13
CA SER A 248 -5.50 -15.32 17.46
C SER A 248 -3.99 -15.07 17.41
N PHE A 249 -3.49 -14.27 18.36
CA PHE A 249 -2.06 -13.98 18.42
C PHE A 249 -1.68 -13.60 19.85
N PHE A 250 -0.39 -13.73 20.16
CA PHE A 250 0.15 -13.33 21.45
C PHE A 250 0.77 -11.95 21.32
N ALA A 251 0.50 -11.08 22.30
CA ALA A 251 1.12 -9.76 22.35
C ALA A 251 1.59 -9.46 23.77
N SER A 252 2.70 -8.73 23.89
CA SER A 252 3.16 -8.37 25.24
C SER A 252 2.19 -7.38 25.89
N GLN A 253 1.89 -7.64 27.18
CA GLN A 253 0.89 -6.83 27.88
C GLN A 253 1.32 -5.36 27.99
N TYR A 254 2.62 -5.12 28.09
CA TYR A 254 3.18 -3.78 28.13
C TYR A 254 3.91 -3.46 26.83
N LEU A 255 3.91 -2.17 26.49
CA LEU A 255 4.90 -1.66 25.55
C LEU A 255 6.29 -2.04 26.05
N VAL A 256 7.21 -2.33 25.12
CA VAL A 256 8.60 -2.61 25.50
C VAL A 256 9.19 -1.41 26.22
N THR A 257 9.78 -1.66 27.40
CA THR A 257 10.26 -0.59 28.27
C THR A 257 11.72 -0.22 27.98
N ASN A 258 12.12 0.93 28.53
CA ASN A 258 13.53 1.34 28.48
C ASN A 258 14.42 0.26 29.08
N GLY A 259 14.00 -0.33 30.22
CA GLY A 259 14.82 -1.36 30.84
C GLY A 259 14.96 -2.60 29.98
N GLU A 260 13.88 -3.01 29.32
CA GLU A 260 13.94 -4.15 28.42
C GLU A 260 14.85 -3.85 27.22
N PHE A 261 14.79 -2.61 26.72
CA PHE A 261 15.63 -2.26 25.58
C PHE A 261 17.10 -2.13 25.98
N LEU A 262 17.36 -1.75 27.22
CA LEU A 262 18.73 -1.70 27.71
C LEU A 262 19.37 -3.08 27.70
N GLU A 263 18.57 -4.11 28.00
CA GLU A 263 19.09 -5.48 27.91
C GLU A 263 19.48 -5.82 26.48
N PHE A 264 18.67 -5.40 25.50
CA PHE A 264 19.00 -5.61 24.09
C PHE A 264 20.33 -4.92 23.75
N ILE A 265 20.55 -3.72 24.24
CA ILE A 265 21.81 -3.02 24.00
C ILE A 265 22.97 -3.80 24.62
N ASN A 266 22.79 -4.28 25.84
CA ASN A 266 23.86 -4.97 26.55
C ASN A 266 24.19 -6.32 25.91
N ARG A 267 23.25 -6.90 25.16
CA ARG A 267 23.52 -8.10 24.39
C ARG A 267 23.94 -7.78 22.95
N LYS A 268 24.60 -6.63 22.75
CA LYS A 268 25.17 -6.22 21.46
C LYS A 268 24.12 -6.07 20.37
N GLY A 269 22.94 -5.58 20.75
CA GLY A 269 21.84 -5.47 19.80
C GLY A 269 22.15 -4.59 18.59
N TYR A 270 22.83 -3.47 18.81
CA TYR A 270 23.14 -2.56 17.71
C TYR A 270 24.39 -2.99 16.94
N GLU A 271 25.04 -4.06 17.36
CA GLU A 271 26.30 -4.51 16.76
C GLU A 271 26.18 -5.83 16.03
N THR A 272 25.00 -6.41 15.99
CA THR A 272 24.79 -7.74 15.42
C THR A 272 23.94 -7.65 14.15
N GLN A 273 24.58 -7.84 12.99
CA GLN A 273 23.92 -7.69 11.70
C GLN A 273 22.67 -8.56 11.57
N SER A 274 22.68 -9.77 12.13
CA SER A 274 21.59 -10.68 11.87
C SER A 274 20.27 -10.19 12.45
N TYR A 275 20.28 -9.23 13.39
CA TYR A 275 19.03 -8.70 13.93
C TYR A 275 18.42 -7.62 13.03
N TRP A 276 19.23 -7.06 12.14
CA TRP A 276 18.85 -5.96 11.27
C TRP A 276 18.66 -6.51 9.85
N ASN A 277 18.38 -5.60 8.89
CA ASN A 277 18.46 -5.93 7.47
C ASN A 277 19.37 -4.89 6.81
N GLU A 278 19.65 -5.06 5.51
CA GLU A 278 20.65 -4.19 4.89
C GLU A 278 20.22 -2.72 4.94
N LYS A 279 18.93 -2.45 4.70
CA LYS A 279 18.48 -1.06 4.72
C LYS A 279 18.55 -0.48 6.13
N SER A 280 18.06 -1.21 7.15
CA SER A 280 18.09 -0.61 8.48
C SER A 280 19.50 -0.55 9.07
N TRP A 281 20.37 -1.52 8.75
CA TRP A 281 21.77 -1.46 9.20
C TRP A 281 22.47 -0.26 8.58
N GLN A 282 22.20 -0.03 7.29
CA GLN A 282 22.77 1.13 6.62
C GLN A 282 22.39 2.41 7.35
N TRP A 283 21.12 2.54 7.71
CA TRP A 283 20.67 3.71 8.45
C TRP A 283 21.43 3.82 9.78
N LYS A 284 21.56 2.69 10.49
CA LYS A 284 22.22 2.69 11.78
C LYS A 284 23.68 3.13 11.67
N GLU A 285 24.39 2.58 10.68
CA GLU A 285 25.80 2.93 10.50
C GLU A 285 25.95 4.38 10.06
N GLU A 286 25.10 4.81 9.11
CA GLU A 286 25.20 6.19 8.61
C GLU A 286 25.05 7.20 9.74
N ASN A 287 24.19 6.91 10.72
CA ASN A 287 23.96 7.84 11.81
C ASN A 287 24.72 7.48 13.10
N LYS A 288 25.65 6.53 13.03
CA LYS A 288 26.49 6.11 14.16
C LYS A 288 25.66 5.83 15.41
N VAL A 289 24.55 5.09 15.23
CA VAL A 289 23.58 4.86 16.30
C VAL A 289 24.04 3.69 17.17
N LYS A 290 24.03 3.92 18.48
CA LYS A 290 24.38 2.93 19.49
C LYS A 290 23.28 2.71 20.52
N ASN A 291 22.21 3.50 20.46
CA ASN A 291 21.17 3.48 21.49
C ASN A 291 20.03 4.35 21.01
N PRO A 292 18.88 4.31 21.68
CA PRO A 292 17.77 5.17 21.29
C PRO A 292 18.16 6.64 21.28
N LYS A 293 17.44 7.38 20.44
CA LYS A 293 17.77 8.77 20.12
C LYS A 293 17.97 9.64 21.36
N PHE A 294 17.10 9.48 22.37
CA PHE A 294 17.09 10.41 23.49
C PHE A 294 17.79 9.86 24.73
N TRP A 295 18.63 8.84 24.56
CA TRP A 295 19.51 8.40 25.63
C TRP A 295 20.91 8.94 25.38
N GLN A 296 21.68 9.15 26.45
CA GLN A 296 23.09 9.50 26.32
C GLN A 296 23.87 8.79 27.41
N PHE A 297 25.00 8.19 27.06
CA PHE A 297 25.81 7.47 28.05
C PHE A 297 26.89 8.39 28.62
N ASN A 298 26.90 8.54 29.94
CA ASN A 298 27.92 9.36 30.59
C ASN A 298 28.12 8.91 32.03
N ASN A 299 29.37 8.92 32.49
CA ASN A 299 29.72 8.47 33.85
C ASN A 299 29.16 7.08 34.13
N GLY A 300 29.28 6.19 33.14
CA GLY A 300 28.85 4.82 33.31
C GLY A 300 27.35 4.56 33.28
N LYS A 301 26.53 5.57 32.97
CA LYS A 301 25.08 5.32 33.04
C LYS A 301 24.38 6.16 31.97
N TYR A 302 23.15 5.74 31.66
CA TYR A 302 22.36 6.42 30.64
C TYR A 302 21.51 7.52 31.27
N SER A 303 21.59 8.72 30.72
CA SER A 303 20.59 9.75 30.99
C SER A 303 19.56 9.72 29.86
N TYR A 304 18.44 10.39 30.10
CA TYR A 304 17.30 10.38 29.19
C TYR A 304 16.82 11.80 29.00
N ARG A 305 16.60 12.18 27.75
CA ARG A 305 16.12 13.52 27.44
C ARG A 305 14.61 13.52 27.34
N ALA A 306 13.95 14.09 28.37
CA ALA A 306 12.53 14.40 28.33
C ALA A 306 12.38 15.70 27.55
N MET A 307 11.21 16.34 27.58
CA MET A 307 10.99 17.48 26.69
C MET A 307 12.04 18.57 26.94
N PHE A 308 12.28 18.93 28.22
CA PHE A 308 13.11 20.08 28.55
C PHE A 308 14.29 19.74 29.45
N ASP A 309 14.42 18.52 29.94
CA ASP A 309 15.39 18.22 30.97
C ASP A 309 15.99 16.84 30.70
N GLU A 310 17.24 16.67 31.11
CA GLU A 310 17.85 15.35 31.18
C GLU A 310 17.61 14.79 32.57
N ILE A 311 17.21 13.53 32.65
CA ILE A 311 16.92 12.84 33.90
C ILE A 311 17.51 11.44 33.81
N PRO A 312 17.73 10.76 34.95
CA PRO A 312 18.14 9.35 34.89
C PRO A 312 17.15 8.55 34.04
N LEU A 313 17.67 7.58 33.29
CA LEU A 313 16.81 6.77 32.43
C LEU A 313 15.64 6.17 33.20
N PRO A 314 14.37 6.52 32.83
CA PRO A 314 13.20 5.91 33.49
C PRO A 314 13.00 4.48 33.01
N LEU A 315 13.35 3.50 33.83
CA LEU A 315 13.41 2.13 33.32
C LEU A 315 12.05 1.54 32.97
N ASP A 316 10.96 2.01 33.58
CA ASP A 316 9.66 1.43 33.32
C ASP A 316 8.82 2.23 32.33
N TRP A 317 9.37 3.27 31.74
CA TRP A 317 8.66 3.95 30.66
C TRP A 317 8.81 3.16 29.37
N PRO A 318 7.86 3.30 28.43
CA PRO A 318 8.04 2.66 27.12
C PRO A 318 9.24 3.23 26.38
N VAL A 319 10.04 2.34 25.77
CA VAL A 319 11.19 2.81 24.97
C VAL A 319 10.68 3.53 23.74
N GLU A 320 11.41 4.59 23.34
CA GLU A 320 11.03 5.38 22.18
C GLU A 320 12.03 5.09 21.08
N VAL A 321 11.53 4.56 19.96
CA VAL A 321 12.37 4.02 18.88
C VAL A 321 11.73 4.35 17.55
N ASN A 322 12.54 4.25 16.48
CA ASN A 322 11.94 4.25 15.15
C ASN A 322 11.61 2.81 14.78
N TYR A 323 11.07 2.62 13.57
CA TYR A 323 10.60 1.30 13.16
C TYR A 323 11.78 0.34 13.01
N TYR A 324 12.91 0.85 12.48
CA TYR A 324 14.10 0.02 12.30
C TYR A 324 14.54 -0.58 13.63
N GLU A 325 14.55 0.23 14.69
CA GLU A 325 15.01 -0.23 15.99
C GLU A 325 14.02 -1.21 16.60
N ALA A 326 12.72 -0.97 16.41
CA ALA A 326 11.71 -1.91 16.89
C ALA A 326 11.91 -3.27 16.24
N MET A 327 12.10 -3.30 14.91
CA MET A 327 12.33 -4.56 14.23
C MET A 327 13.64 -5.23 14.61
N ALA A 328 14.69 -4.44 14.91
CA ALA A 328 15.94 -5.06 15.38
C ALA A 328 15.75 -5.75 16.72
N TYR A 329 15.00 -5.11 17.64
CA TYR A 329 14.65 -5.77 18.89
C TYR A 329 13.87 -7.06 18.65
N CYS A 330 12.88 -7.03 17.76
CA CYS A 330 12.19 -8.25 17.35
C CYS A 330 13.17 -9.30 16.80
N GLY A 331 14.19 -8.85 16.06
CA GLY A 331 15.17 -9.79 15.54
C GLY A 331 15.94 -10.48 16.66
N TRP A 332 16.32 -9.71 17.69
CA TRP A 332 17.01 -10.28 18.84
C TRP A 332 16.11 -11.25 19.59
N LYS A 333 14.83 -10.92 19.75
CA LYS A 333 13.89 -11.86 20.37
C LYS A 333 13.81 -13.16 19.57
N GLY A 334 13.90 -13.07 18.25
CA GLY A 334 13.85 -14.25 17.38
C GLY A 334 12.50 -14.95 17.45
N LYS A 335 12.49 -16.20 16.98
CA LYS A 335 11.33 -17.09 17.15
C LYS A 335 10.06 -16.47 16.58
N GLY A 336 10.17 -15.83 15.41
CA GLY A 336 9.01 -15.24 14.78
C GLY A 336 8.44 -14.02 15.48
N THR A 337 9.22 -13.32 16.28
CA THR A 337 8.72 -12.13 16.94
C THR A 337 8.56 -11.02 15.91
N ARG A 338 7.42 -10.30 15.99
CA ARG A 338 7.05 -9.36 14.94
C ARG A 338 6.21 -8.24 15.58
N LEU A 339 5.75 -7.31 14.76
CA LEU A 339 4.83 -6.27 15.17
C LEU A 339 3.41 -6.57 14.69
N MET A 340 2.42 -5.98 15.35
CA MET A 340 1.04 -6.14 14.92
C MET A 340 0.76 -5.49 13.57
N SER A 341 -0.24 -6.03 12.87
CA SER A 341 -0.91 -5.33 11.76
C SER A 341 -1.92 -4.29 12.29
N GLU A 342 -2.42 -3.44 11.38
CA GLU A 342 -3.49 -2.50 11.77
C GLU A 342 -4.73 -3.25 12.27
N ALA A 343 -5.12 -4.33 11.59
CA ALA A 343 -6.31 -5.03 12.04
C ALA A 343 -6.08 -5.67 13.40
N GLU A 344 -4.87 -6.18 13.66
CA GLU A 344 -4.58 -6.79 14.96
C GLU A 344 -4.62 -5.77 16.08
N TRP A 345 -4.05 -4.57 15.87
CA TRP A 345 -4.15 -3.53 16.90
C TRP A 345 -5.61 -3.16 17.16
N ASN A 346 -6.41 -3.00 16.10
CA ASN A 346 -7.83 -2.67 16.28
C ASN A 346 -8.57 -3.74 17.05
N LEU A 347 -8.32 -5.02 16.73
CA LEU A 347 -8.95 -6.09 17.49
C LEU A 347 -8.58 -6.01 18.97
N ALA A 348 -7.30 -5.77 19.26
CA ALA A 348 -6.86 -5.75 20.65
C ALA A 348 -7.43 -4.55 21.40
N ALA A 349 -7.55 -3.41 20.74
CA ALA A 349 -7.95 -2.16 21.40
C ALA A 349 -9.47 -1.98 21.48
N TYR A 350 -10.20 -2.44 20.48
CA TYR A 350 -11.66 -2.12 20.42
C TYR A 350 -12.53 -3.36 20.20
N GLY A 351 -11.92 -4.50 20.00
CA GLY A 351 -12.68 -5.75 19.87
C GLY A 351 -13.42 -5.89 18.55
N SER A 352 -14.53 -6.61 18.56
CA SER A 352 -15.25 -6.94 17.31
C SER A 352 -16.57 -6.19 17.11
N ASN A 353 -17.01 -5.43 18.11
CA ASN A 353 -18.25 -4.63 18.00
C ASN A 353 -18.20 -3.61 16.87
N ASN A 355 -20.22 -0.68 14.97
CA ASN A 355 -21.21 0.22 15.63
C ASN A 355 -20.65 0.64 16.98
N TYR A 356 -19.34 0.42 17.19
CA TYR A 356 -18.72 0.91 18.45
C TYR A 356 -19.03 2.42 18.53
N GLN A 357 -19.55 2.84 19.68
CA GLN A 357 -19.85 4.27 19.87
C GLN A 357 -18.70 4.91 20.64
N VAL A 358 -17.96 5.79 19.98
CA VAL A 358 -16.90 6.51 20.66
C VAL A 358 -17.49 7.29 21.83
N ASP A 359 -16.81 7.23 22.98
CA ASP A 359 -17.12 8.01 24.18
C ASP A 359 -15.94 8.90 24.45
N ILE A 360 -16.09 10.20 24.14
CA ILE A 360 -14.95 11.10 24.21
C ILE A 360 -14.37 11.19 25.61
N GLU A 361 -15.21 11.05 26.65
CA GLU A 361 -14.71 11.11 28.03
C GLU A 361 -13.70 10.02 28.35
N LYS A 362 -13.71 8.92 27.59
CA LYS A 362 -12.74 7.86 27.84
C LYS A 362 -11.31 8.26 27.51
N VAL A 363 -11.11 9.39 26.81
CA VAL A 363 -9.75 9.87 26.59
C VAL A 363 -9.04 10.07 27.93
N ASN A 364 -9.81 10.43 28.97
CA ASN A 364 -9.30 10.65 30.33
C ASN A 364 -8.77 9.38 30.97
N ASP A 365 -9.07 8.21 30.41
CA ASP A 365 -8.65 6.94 30.97
C ASP A 365 -7.24 6.50 30.53
N TYR A 366 -6.60 7.21 29.59
CA TYR A 366 -5.30 6.83 29.07
C TYR A 366 -4.34 8.00 29.17
N ASN A 367 -3.04 7.72 29.00
CA ASN A 367 -2.05 8.80 28.95
C ASN A 367 -2.11 9.45 27.58
N LEU A 368 -3.12 10.30 27.43
CA LEU A 368 -3.41 11.05 26.22
C LEU A 368 -3.69 12.48 26.63
N ASN A 369 -3.66 13.41 25.67
CA ASN A 369 -4.25 14.75 25.92
C ASN A 369 -3.60 15.47 27.10
N LEU A 370 -2.30 15.32 27.23
CA LEU A 370 -1.47 15.99 28.25
C LEU A 370 -1.87 15.58 29.68
N LYS A 371 -2.41 14.37 29.85
CA LYS A 371 -2.50 13.84 31.21
C LYS A 371 -1.16 13.93 31.91
N PHE A 372 -0.08 13.61 31.18
CA PHE A 372 1.30 13.82 31.61
C PHE A 372 2.02 14.57 30.48
N GLY A 373 3.15 15.18 30.83
CA GLY A 373 3.98 15.84 29.83
C GLY A 373 5.15 14.98 29.40
N SER A 374 4.97 13.67 29.47
CA SER A 374 5.99 12.69 29.14
C SER A 374 5.29 11.33 29.01
N PRO A 375 5.98 10.31 28.52
CA PRO A 375 5.48 8.94 28.71
C PRO A 375 5.37 8.63 30.20
N SER A 376 4.60 7.59 30.51
CA SER A 376 4.39 7.17 31.89
C SER A 376 4.85 5.74 32.05
N PRO A 377 5.14 5.31 33.28
CA PRO A 377 5.45 3.89 33.50
C PRO A 377 4.34 3.02 32.93
N VAL A 378 4.72 1.93 32.25
CA VAL A 378 3.70 1.05 31.68
C VAL A 378 2.82 0.53 32.82
N GLY A 379 1.51 0.68 32.66
CA GLY A 379 0.56 0.26 33.69
C GLY A 379 0.31 1.25 34.82
N LEU A 380 1.00 2.39 34.87
CA LEU A 380 0.76 3.32 35.98
C LEU A 380 -0.65 3.91 35.94
N VAL A 381 -1.11 4.32 34.77
CA VAL A 381 -2.48 4.80 34.61
C VAL A 381 -3.40 3.59 34.71
N LYS A 382 -4.08 3.47 35.85
CA LYS A 382 -4.76 2.22 36.17
C LYS A 382 -6.00 1.98 35.33
N THR A 383 -6.53 3.00 34.65
CA THR A 383 -7.70 2.87 33.79
C THR A 383 -7.34 2.53 32.34
N ALA A 384 -6.05 2.30 32.03
CA ALA A 384 -5.55 2.20 30.66
C ALA A 384 -5.35 0.77 30.16
N GLN A 385 -5.96 -0.22 30.83
CA GLN A 385 -5.92 -1.60 30.36
C GLN A 385 -7.13 -1.86 29.46
N SER A 386 -6.88 -2.25 28.21
CA SER A 386 -7.98 -2.59 27.33
C SER A 386 -8.61 -3.91 27.79
N HIS A 387 -9.84 -4.18 27.30
CA HIS A 387 -10.53 -5.42 27.67
C HIS A 387 -9.72 -6.66 27.30
N SER A 388 -8.90 -6.58 26.24
CA SER A 388 -8.06 -7.69 25.82
C SER A 388 -6.95 -8.04 26.82
N GLY A 389 -6.69 -7.17 27.80
CA GLY A 389 -5.63 -7.35 28.76
C GLY A 389 -4.37 -6.57 28.47
N LEU A 390 -4.26 -5.95 27.29
CA LEU A 390 -3.08 -5.17 26.97
C LEU A 390 -3.18 -3.76 27.55
N TRP A 391 -2.04 -3.26 28.07
CA TRP A 391 -1.96 -1.94 28.68
C TRP A 391 -1.46 -0.93 27.66
N ASP A 392 -2.02 0.28 27.73
CA ASP A 392 -1.54 1.40 26.92
C ASP A 392 -1.57 1.09 25.42
N LEU A 393 -2.58 0.34 24.96
CA LEU A 393 -2.80 0.32 23.51
C LEU A 393 -3.19 1.71 23.04
N ARG A 394 -4.05 2.39 23.80
CA ARG A 394 -4.30 3.81 23.63
C ARG A 394 -3.39 4.58 24.58
N GLY A 395 -2.74 5.63 24.07
CA GLY A 395 -1.97 6.53 24.92
C GLY A 395 -0.56 6.05 25.23
N ASN A 396 0.11 6.87 26.05
CA ASN A 396 1.50 6.72 26.49
C ASN A 396 2.53 6.99 25.40
N VAL A 397 2.56 6.19 24.33
CA VAL A 397 3.36 6.52 23.16
C VAL A 397 2.61 5.84 22.03
N TRP A 398 2.68 6.42 20.83
CA TRP A 398 2.18 5.73 19.63
C TRP A 398 2.84 4.36 19.58
N GLU A 399 2.19 3.39 18.95
CA GLU A 399 2.92 2.16 18.74
C GLU A 399 3.00 1.81 17.25
N TRP A 400 4.23 1.49 16.82
CA TRP A 400 4.52 1.11 15.43
C TRP A 400 3.78 -0.17 15.09
N LEU A 401 3.38 -0.26 13.82
CA LEU A 401 2.70 -1.44 13.27
C LEU A 401 3.42 -1.89 12.00
N ASP A 402 3.50 -3.19 11.78
CA ASP A 402 3.98 -3.72 10.49
C ASP A 402 2.83 -3.65 9.50
N GLU A 403 2.63 -2.46 8.95
CA GLU A 403 1.52 -2.16 8.05
C GLU A 403 1.95 -0.99 7.19
N ASN A 404 2.14 -1.22 5.89
CA ASN A 404 2.37 -0.10 4.98
C ASN A 404 1.12 0.76 4.90
N PHE A 405 1.29 2.08 5.06
CA PHE A 405 0.15 2.98 4.98
C PHE A 405 -0.57 2.83 3.65
N HIS A 406 -1.90 2.65 3.69
CA HIS A 406 -2.68 2.27 2.51
C HIS A 406 -4.13 2.72 2.67
N PRO A 407 -4.86 2.95 1.58
CA PRO A 407 -6.26 3.33 1.70
C PRO A 407 -7.15 2.14 2.00
N LEU A 408 -8.29 2.44 2.62
CA LEU A 408 -9.31 1.44 2.84
C LEU A 408 -10.33 1.53 1.70
N PRO A 409 -11.04 0.46 1.34
CA PRO A 409 -12.06 0.57 0.28
C PRO A 409 -13.09 1.64 0.62
N GLY A 410 -13.41 2.48 -0.36
CA GLY A 410 -14.29 3.61 -0.13
C GLY A 410 -13.57 4.93 0.07
N PHE A 411 -12.25 4.90 0.23
CA PHE A 411 -11.43 6.10 0.35
C PHE A 411 -11.71 7.08 -0.78
N GLU A 412 -11.76 8.38 -0.43
CA GLU A 412 -11.89 9.48 -1.39
C GLU A 412 -11.17 10.68 -0.81
N PRO A 413 -10.25 11.30 -1.56
CA PRO A 413 -9.67 12.57 -1.10
C PRO A 413 -10.77 13.62 -0.93
N HIS A 414 -10.50 14.57 -0.04
CA HIS A 414 -11.46 15.68 0.20
C HIS A 414 -10.99 16.89 -0.61
N PHE A 415 -11.94 17.61 -1.19
CA PHE A 415 -11.63 18.80 -2.01
C PHE A 415 -10.69 19.77 -1.28
N LEU A 416 -10.84 19.90 0.04
CA LEU A 416 -10.05 20.90 0.80
C LEU A 416 -8.57 20.53 0.88
N TYR A 417 -8.22 19.26 0.70
CA TYR A 417 -6.81 18.82 0.89
C TYR A 417 -6.60 17.51 0.11
N GLU A 418 -6.59 17.62 -1.21
CA GLU A 418 -6.61 16.40 -2.01
C GLU A 418 -5.34 15.55 -1.83
N ASP A 419 -4.20 16.15 -1.47
CA ASP A 419 -2.98 15.37 -1.29
C ASP A 419 -2.63 15.11 0.18
N ASN A 420 -3.63 15.09 1.07
CA ASN A 420 -3.36 14.78 2.47
C ASN A 420 -2.69 13.43 2.63
N SER A 421 -3.21 12.40 1.97
CA SER A 421 -2.70 11.07 2.23
C SER A 421 -2.32 10.31 0.96
N ALA A 422 -2.97 10.60 -0.17
CA ALA A 422 -2.69 9.86 -1.40
C ALA A 422 -1.22 9.80 -1.81
N PRO A 423 -0.38 10.83 -1.61
CA PRO A 423 1.03 10.70 -2.00
C PRO A 423 1.81 9.67 -1.21
N PHE A 424 1.29 9.24 -0.06
CA PHE A 424 2.07 8.45 0.88
C PHE A 424 1.61 7.01 0.91
N PHE A 425 0.71 6.63 0.00
CA PHE A 425 0.38 5.23 -0.23
C PHE A 425 1.44 4.62 -1.14
N ASP A 426 2.69 4.59 -0.64
CA ASP A 426 3.84 4.38 -1.51
C ASP A 426 4.73 3.22 -1.05
N ASN A 427 4.29 2.42 -0.10
CA ASN A 427 5.05 1.32 0.49
C ASN A 427 6.33 1.77 1.19
N ASN A 428 6.48 3.07 1.45
CA ASN A 428 7.65 3.60 2.14
C ASN A 428 7.31 4.24 3.47
N HIS A 429 6.07 4.08 3.94
CA HIS A 429 5.65 4.60 5.23
C HIS A 429 5.01 3.48 6.01
N LYS A 430 5.40 3.32 7.27
CA LYS A 430 4.76 2.37 8.18
C LYS A 430 3.79 3.11 9.09
N MET A 431 2.76 2.41 9.53
CA MET A 431 1.69 3.00 10.33
C MET A 431 2.01 2.95 11.83
N MET A 432 1.39 3.86 12.60
CA MET A 432 1.43 3.74 14.05
C MET A 432 0.06 4.18 14.55
N LEU A 433 -0.39 3.64 15.68
CA LEU A 433 -1.74 3.94 16.16
C LEU A 433 -1.80 4.16 17.67
N GLY A 434 -2.88 4.81 18.11
CA GLY A 434 -3.29 4.78 19.51
C GLY A 434 -3.09 6.07 20.25
N GLY A 435 -2.22 6.95 19.76
CA GLY A 435 -1.97 8.22 20.40
C GLY A 435 -0.91 8.14 21.47
N ALA A 436 -0.29 9.30 21.74
CA ALA A 436 0.74 9.48 22.76
C ALA A 436 0.26 10.46 23.83
N TRP A 437 1.09 10.63 24.87
CA TRP A 437 0.81 11.58 25.95
C TRP A 437 0.50 12.96 25.41
N VAL A 438 1.14 13.35 24.31
CA VAL A 438 1.03 14.69 23.74
C VAL A 438 -0.13 14.82 22.73
N THR A 439 -0.76 13.71 22.34
CA THR A 439 -1.78 13.73 21.30
C THR A 439 -3.08 14.35 21.83
N GLN A 440 -3.72 15.19 21.00
CA GLN A 440 -4.93 15.94 21.36
C GLN A 440 -5.97 15.80 20.24
N GLY A 441 -7.20 16.23 20.53
CA GLY A 441 -8.22 16.31 19.47
C GLY A 441 -8.73 14.96 19.00
N THR A 442 -9.26 14.96 17.76
CA THR A 442 -9.81 13.71 17.25
C THR A 442 -8.71 12.69 16.97
N GLU A 443 -7.44 13.11 16.99
CA GLU A 443 -6.32 12.20 16.89
C GLU A 443 -6.19 11.28 18.11
N THR A 444 -6.92 11.57 19.21
CA THR A 444 -6.93 10.67 20.36
C THR A 444 -7.98 9.59 20.24
N LEU A 445 -8.83 9.63 19.22
CA LEU A 445 -9.98 8.74 19.11
C LEU A 445 -9.72 7.61 18.09
N LYS A 446 -10.73 6.72 17.98
CA LYS A 446 -10.61 5.43 17.28
C LYS A 446 -10.15 5.54 15.83
N TYR A 447 -10.62 6.54 15.10
CA TYR A 447 -10.52 6.47 13.65
C TYR A 447 -9.24 7.02 13.06
N TYR A 448 -8.49 7.82 13.83
CA TYR A 448 -7.29 8.45 13.28
C TYR A 448 -6.25 7.41 12.87
N ARG A 449 -5.72 7.53 11.65
CA ARG A 449 -4.70 6.64 11.12
C ARG A 449 -3.42 7.43 10.87
N ASN A 450 -2.31 6.97 11.43
CA ASN A 450 -1.07 7.73 11.45
C ASN A 450 0.03 6.93 10.73
N TRP A 451 1.07 7.63 10.23
CA TRP A 451 2.06 6.97 9.38
C TRP A 451 3.34 7.79 9.29
N PHE A 452 4.49 7.10 9.19
CA PHE A 452 5.80 7.76 9.08
C PHE A 452 6.78 6.87 8.33
N ARG A 453 7.78 7.51 7.71
CA ARG A 453 8.88 6.72 7.20
C ARG A 453 9.55 5.97 8.37
N PRO A 454 10.04 4.76 8.13
CA PRO A 454 10.45 3.90 9.25
C PRO A 454 11.68 4.40 10.00
N ASN A 455 12.45 5.32 9.45
CA ASN A 455 13.60 5.87 10.18
C ASN A 455 13.23 7.03 11.08
N PHE A 456 12.00 7.54 10.99
CA PHE A 456 11.61 8.79 11.64
C PHE A 456 11.33 8.62 13.13
N TYR A 457 11.67 9.64 13.92
CA TYR A 457 11.42 9.63 15.36
C TYR A 457 10.15 10.40 15.73
N GLN A 458 9.29 9.77 16.52
CA GLN A 458 8.09 10.35 17.11
C GLN A 458 8.07 9.95 18.59
N HIS A 459 7.06 10.39 19.33
CA HIS A 459 6.83 9.91 20.70
C HIS A 459 6.16 8.54 20.54
N ALA A 460 6.98 7.54 20.22
CA ALA A 460 6.49 6.31 19.65
C ALA A 460 7.37 5.15 20.09
N GLY A 461 6.71 4.04 20.43
CA GLY A 461 7.36 2.81 20.84
C GLY A 461 6.69 1.63 20.19
N PHE A 462 6.63 0.50 20.87
CA PHE A 462 6.11 -0.70 20.26
C PHE A 462 5.91 -1.76 21.33
N ARG A 463 5.11 -2.77 20.98
CA ARG A 463 5.05 -4.01 21.76
C ARG A 463 5.37 -5.16 20.81
N ILE A 464 5.64 -6.35 21.37
CA ILE A 464 6.03 -7.47 20.53
C ILE A 464 4.90 -8.47 20.43
N VAL A 465 4.89 -9.22 19.31
CA VAL A 465 3.85 -10.19 18.97
C VAL A 465 4.51 -11.48 18.53
N THR A 466 3.92 -12.62 18.90
CA THR A 466 4.26 -13.90 18.28
C THR A 466 2.97 -14.61 17.89
N ASN A 467 3.02 -15.38 16.80
CA ASN A 467 1.85 -16.14 16.37
C ASN A 467 1.53 -17.26 17.36
N HIS A 468 2.56 -17.87 17.94
CA HIS A 468 2.37 -18.93 18.94
C HIS A 468 3.27 -18.72 20.14
N HIS B 20 -2.08 -28.33 -42.27
CA HIS B 20 -3.02 -28.24 -41.17
C HIS B 20 -3.67 -26.86 -41.17
N MET B 21 -4.82 -26.79 -40.52
CA MET B 21 -5.47 -25.51 -40.27
C MET B 21 -4.52 -24.59 -39.52
N SER B 22 -4.54 -23.31 -39.90
CA SER B 22 -3.68 -22.32 -39.25
C SER B 22 -4.29 -21.88 -37.93
N PHE B 23 -3.43 -21.35 -37.04
CA PHE B 23 -3.87 -20.70 -35.82
C PHE B 23 -3.90 -19.19 -36.05
N ILE B 24 -5.02 -18.56 -35.69
CA ILE B 24 -5.21 -17.16 -35.98
C ILE B 24 -4.16 -16.32 -35.28
N LYS B 25 -3.72 -15.27 -35.96
CA LYS B 25 -2.83 -14.30 -35.35
C LYS B 25 -3.61 -13.41 -34.39
N SER B 26 -2.98 -13.06 -33.28
CA SER B 26 -3.55 -12.08 -32.35
C SER B 26 -3.18 -10.69 -32.84
N GLN B 27 -4.20 -9.85 -33.06
CA GLN B 27 -3.99 -8.47 -33.47
C GLN B 27 -3.50 -7.61 -32.32
N LEU B 28 -2.54 -6.75 -32.62
CA LEU B 28 -1.96 -5.84 -31.66
C LEU B 28 -2.98 -4.76 -31.26
N PRO B 29 -2.82 -4.16 -30.08
CA PRO B 29 -3.72 -3.08 -29.66
C PRO B 29 -3.54 -1.88 -30.57
N ILE B 30 -4.49 -0.95 -30.49
CA ILE B 30 -4.54 0.22 -31.37
C ILE B 30 -4.48 1.49 -30.53
N PHE B 31 -3.80 2.51 -31.04
CA PHE B 31 -3.82 3.82 -30.42
C PHE B 31 -5.21 4.46 -30.53
N LEU B 32 -5.62 5.17 -29.48
CA LEU B 32 -6.96 5.73 -29.42
C LEU B 32 -7.10 7.01 -30.22
N ASN B 33 -6.01 7.52 -30.78
CA ASN B 33 -6.08 8.63 -31.72
C ASN B 33 -5.87 8.16 -33.16
N ASN B 34 -5.96 6.85 -33.40
CA ASN B 34 -5.83 6.27 -34.73
C ASN B 34 -6.85 5.15 -34.96
N CYS B 35 -7.77 4.94 -34.00
CA CYS B 35 -8.85 3.99 -34.17
C CYS B 35 -9.70 4.33 -35.39
N THR B 36 -10.13 3.32 -36.12
CA THR B 36 -11.20 3.45 -37.10
C THR B 36 -12.28 2.44 -36.75
N GLN B 37 -13.50 2.70 -37.21
CA GLN B 37 -14.55 1.70 -37.05
C GLN B 37 -14.10 0.34 -37.54
N ASP B 38 -13.43 0.30 -38.70
CA ASP B 38 -12.96 -0.97 -39.24
C ASP B 38 -11.87 -1.60 -38.37
N SER B 39 -10.86 -0.81 -37.97
CA SER B 39 -9.80 -1.40 -37.16
C SER B 39 -10.32 -1.90 -35.82
N VAL B 40 -11.27 -1.16 -35.22
CA VAL B 40 -11.86 -1.59 -33.95
C VAL B 40 -12.74 -2.82 -34.15
N ILE B 41 -13.58 -2.83 -35.20
CA ILE B 41 -14.37 -4.01 -35.50
C ILE B 41 -13.47 -5.25 -35.65
N ASN B 42 -12.33 -5.08 -36.34
CA ASN B 42 -11.42 -6.20 -36.52
C ASN B 42 -10.82 -6.65 -35.20
N TYR B 43 -10.43 -5.68 -34.34
CA TYR B 43 -9.85 -6.02 -33.04
C TYR B 43 -10.87 -6.69 -32.13
N PHE B 44 -12.13 -6.21 -32.17
CA PHE B 44 -13.21 -6.84 -31.42
C PHE B 44 -13.43 -8.26 -31.90
N GLN B 45 -13.62 -8.43 -33.21
CA GLN B 45 -13.77 -9.77 -33.77
C GLN B 45 -12.63 -10.69 -33.34
N ASN B 46 -11.40 -10.17 -33.40
CA ASN B 46 -10.23 -10.97 -33.04
C ASN B 46 -10.22 -11.34 -31.56
N SER B 47 -10.58 -10.40 -30.67
CA SER B 47 -10.62 -10.69 -29.24
C SER B 47 -11.57 -11.83 -28.96
N TRP B 48 -12.75 -11.79 -29.58
CA TRP B 48 -13.82 -12.75 -29.33
C TRP B 48 -13.52 -14.11 -29.98
N GLU B 49 -13.00 -14.08 -31.22
CA GLU B 49 -12.60 -15.33 -31.86
C GLU B 49 -11.56 -16.07 -31.02
N LEU B 50 -10.59 -15.33 -30.46
CA LEU B 50 -9.54 -15.98 -29.67
C LEU B 50 -10.12 -16.64 -28.41
N GLU B 51 -10.98 -15.93 -27.69
CA GLU B 51 -11.57 -16.54 -26.50
C GLU B 51 -12.44 -17.73 -26.86
N ASN B 52 -13.18 -17.63 -27.97
CA ASN B 52 -13.93 -18.79 -28.45
C ASN B 52 -13.02 -20.00 -28.68
N ILE B 53 -11.88 -19.79 -29.35
CA ILE B 53 -10.97 -20.90 -29.62
C ILE B 53 -10.55 -21.56 -28.32
N LEU B 54 -10.22 -20.74 -27.31
CA LEU B 54 -9.77 -21.31 -26.04
C LEU B 54 -10.88 -22.11 -25.38
N MET B 55 -12.08 -21.54 -25.32
CA MET B 55 -13.22 -22.22 -24.71
C MET B 55 -13.58 -23.49 -25.49
N ARG B 56 -13.43 -23.47 -26.81
CA ARG B 56 -13.74 -24.66 -27.61
C ARG B 56 -12.74 -25.79 -27.41
N SER B 57 -11.60 -25.53 -26.74
CA SER B 57 -10.66 -26.61 -26.48
CA SER B 57 -10.65 -26.61 -26.47
C SER B 57 -11.14 -27.56 -25.39
N ILE B 58 -12.17 -27.19 -24.63
CA ILE B 58 -12.76 -28.07 -23.62
C ILE B 58 -13.64 -29.09 -24.33
N ILE B 59 -13.29 -30.38 -24.21
CA ILE B 59 -13.91 -31.42 -25.04
C ILE B 59 -15.34 -31.71 -24.61
N ASP B 60 -15.57 -31.92 -23.31
CA ASP B 60 -16.85 -32.37 -22.78
C ASP B 60 -17.58 -31.24 -22.07
N ASP B 61 -18.88 -31.14 -22.34
CA ASP B 61 -19.69 -30.11 -21.70
C ASP B 61 -19.63 -30.19 -20.18
N GLU B 62 -19.60 -31.40 -19.62
CA GLU B 62 -19.63 -31.55 -18.16
C GLU B 62 -18.43 -30.86 -17.51
N THR B 63 -17.33 -30.74 -18.24
CA THR B 63 -16.13 -30.11 -17.71
C THR B 63 -16.36 -28.64 -17.36
N PHE B 64 -17.35 -28.00 -17.97
CA PHE B 64 -17.57 -26.59 -17.67
C PHE B 64 -18.04 -26.35 -16.23
N TYR B 65 -18.49 -27.40 -15.53
CA TYR B 65 -18.95 -27.23 -14.16
C TYR B 65 -17.85 -27.54 -13.14
N ILE B 66 -16.64 -27.88 -13.60
CA ILE B 66 -15.44 -27.98 -12.78
C ILE B 66 -14.89 -26.59 -12.54
N ASN B 67 -14.40 -26.32 -11.33
CA ASN B 67 -13.56 -25.14 -11.07
C ASN B 67 -12.14 -25.62 -10.86
N PRO B 68 -11.34 -25.73 -11.94
CA PRO B 68 -10.06 -26.44 -11.82
C PRO B 68 -9.08 -25.72 -10.92
N ASP B 69 -9.19 -24.39 -10.80
CA ASP B 69 -8.44 -23.65 -9.79
C ASP B 69 -9.31 -23.49 -8.56
N PRO B 70 -8.90 -24.01 -7.40
CA PRO B 70 -9.79 -23.98 -6.23
C PRO B 70 -10.11 -22.58 -5.71
N LEU B 71 -9.42 -21.55 -6.20
CA LEU B 71 -9.65 -20.18 -5.79
C LEU B 71 -10.43 -19.37 -6.84
N ARG B 72 -10.98 -20.03 -7.87
CA ARG B 72 -11.73 -19.35 -8.90
C ARG B 72 -13.02 -20.12 -9.20
N ASN B 73 -13.93 -19.46 -9.93
CA ASN B 73 -15.26 -20.01 -10.26
C ASN B 73 -15.19 -21.16 -11.26
N PRO B 74 -16.29 -21.91 -11.41
CA PRO B 74 -16.32 -22.95 -12.45
C PRO B 74 -16.20 -22.36 -13.85
N LEU B 75 -15.72 -23.19 -14.78
CA LEU B 75 -15.48 -22.70 -16.14
C LEU B 75 -16.73 -22.12 -16.79
N ILE B 76 -17.92 -22.63 -16.45
CA ILE B 76 -19.13 -22.09 -17.09
C ILE B 76 -19.30 -20.61 -16.76
N PHE B 77 -18.85 -20.18 -15.59
CA PHE B 77 -18.92 -18.77 -15.26
C PHE B 77 -18.08 -17.95 -16.23
N TYR B 78 -16.85 -18.42 -16.50
CA TYR B 78 -15.95 -17.66 -17.40
C TYR B 78 -16.41 -17.72 -18.86
N LEU B 79 -17.17 -18.75 -19.25
CA LEU B 79 -17.73 -18.75 -20.60
C LEU B 79 -18.70 -17.59 -20.79
N GLY B 80 -19.49 -17.25 -19.76
CA GLY B 80 -20.44 -16.18 -19.90
C GLY B 80 -19.96 -14.80 -19.47
N HIS B 81 -18.95 -14.77 -18.59
CA HIS B 81 -18.55 -13.54 -17.91
C HIS B 81 -18.02 -12.47 -18.87
N SER B 82 -17.19 -12.83 -19.86
CA SER B 82 -16.67 -11.77 -20.75
C SER B 82 -17.80 -11.14 -21.56
N ALA B 83 -18.74 -11.95 -22.04
CA ALA B 83 -19.88 -11.40 -22.79
C ALA B 83 -20.73 -10.51 -21.90
N ALA B 84 -21.10 -11.02 -20.71
CA ALA B 84 -21.93 -10.23 -19.81
C ALA B 84 -21.25 -8.92 -19.44
N PHE B 85 -19.93 -8.93 -19.26
CA PHE B 85 -19.22 -7.71 -18.88
C PHE B 85 -19.37 -6.62 -19.95
N TYR B 86 -19.21 -6.98 -21.23
CA TYR B 86 -19.46 -6.04 -22.32
C TYR B 86 -20.86 -5.43 -22.19
N ILE B 87 -21.87 -6.30 -22.09
CA ILE B 87 -23.26 -5.85 -22.05
C ILE B 87 -23.49 -4.89 -20.90
N ASN B 88 -23.05 -5.27 -19.70
CA ASN B 88 -23.23 -4.44 -18.51
C ASN B 88 -22.59 -3.07 -18.68
N LYS B 89 -21.34 -3.03 -19.19
CA LYS B 89 -20.68 -1.74 -19.34
C LYS B 89 -21.32 -0.90 -20.44
N LEU B 90 -21.83 -1.54 -21.50
CA LEU B 90 -22.44 -0.79 -22.60
C LEU B 90 -23.78 -0.21 -22.16
N ILE B 91 -24.53 -0.94 -21.34
CA ILE B 91 -25.75 -0.39 -20.76
C ILE B 91 -25.43 0.82 -19.88
N ARG B 92 -24.37 0.72 -19.06
CA ARG B 92 -24.03 1.78 -18.11
C ARG B 92 -23.79 3.11 -18.81
N VAL B 93 -23.20 3.10 -20.01
CA VAL B 93 -22.91 4.33 -20.74
C VAL B 93 -23.99 4.57 -21.77
N GLU B 94 -25.10 3.84 -21.65
CA GLU B 94 -26.30 4.06 -22.45
C GLU B 94 -26.06 3.84 -23.94
N LEU B 95 -24.98 3.15 -24.30
CA LEU B 95 -24.80 2.71 -25.68
C LEU B 95 -25.74 1.57 -26.02
N LEU B 96 -26.28 0.90 -25.00
CA LEU B 96 -27.30 -0.13 -25.16
C LEU B 96 -28.48 0.26 -24.29
N LYS B 98 -31.08 -2.06 -23.55
CA LYS B 98 -31.47 -3.24 -22.81
C LYS B 98 -30.42 -4.33 -23.00
N GLY B 99 -30.39 -5.28 -22.06
CA GLY B 99 -29.53 -6.44 -22.15
C GLY B 99 -30.15 -7.53 -22.99
N ILE B 100 -29.50 -8.69 -22.97
CA ILE B 100 -30.02 -9.88 -23.62
C ILE B 100 -30.73 -10.80 -22.65
N ASN B 101 -30.16 -10.97 -21.45
CA ASN B 101 -30.74 -11.86 -20.44
C ASN B 101 -30.39 -11.28 -19.08
N SER B 102 -31.36 -10.62 -18.44
CA SER B 102 -31.07 -9.89 -17.21
C SER B 102 -30.61 -10.84 -16.10
N ASP B 103 -31.17 -12.05 -16.05
CA ASP B 103 -30.68 -13.03 -15.08
C ASP B 103 -29.21 -13.34 -15.32
N TYR B 104 -28.83 -13.59 -16.58
CA TYR B 104 -27.45 -13.94 -16.88
C TYR B 104 -26.50 -12.76 -16.63
N GLU B 105 -26.96 -11.54 -16.93
CA GLU B 105 -26.09 -10.39 -16.69
C GLU B 105 -25.80 -10.20 -15.22
N ILE B 106 -26.67 -10.72 -14.34
CA ILE B 106 -26.40 -10.70 -12.91
C ILE B 106 -25.56 -11.90 -12.49
N LEU B 107 -25.90 -13.09 -12.98
CA LEU B 107 -25.19 -14.29 -12.59
C LEU B 107 -23.71 -14.25 -13.02
N PHE B 108 -23.44 -13.68 -14.19
CA PHE B 108 -22.08 -13.62 -14.72
C PHE B 108 -21.40 -12.27 -14.50
N GLU B 109 -21.89 -11.46 -13.54
CA GLU B 109 -21.45 -10.07 -13.44
C GLU B 109 -20.00 -9.93 -12.96
N PHE B 110 -19.66 -10.58 -11.84
CA PHE B 110 -18.33 -10.37 -11.27
C PHE B 110 -17.78 -11.66 -10.68
N GLY B 111 -16.45 -11.80 -10.79
CA GLY B 111 -15.74 -12.97 -10.31
C GLY B 111 -15.30 -12.86 -8.88
N VAL B 112 -14.16 -13.50 -8.57
CA VAL B 112 -13.76 -13.71 -7.18
C VAL B 112 -12.26 -13.52 -7.01
N ASP B 113 -11.87 -13.18 -5.78
CA ASP B 113 -10.48 -13.11 -5.36
C ASP B 113 -10.40 -13.59 -3.91
N PRO B 114 -10.73 -14.86 -3.67
CA PRO B 114 -10.85 -15.33 -2.28
C PRO B 114 -9.51 -15.54 -1.61
N GLU B 115 -9.55 -15.43 -0.28
CA GLU B 115 -8.37 -15.70 0.54
C GLU B 115 -8.14 -17.19 0.72
N ASN B 116 -9.20 -18.00 0.72
CA ASN B 116 -9.08 -19.44 0.85
C ASN B 116 -10.16 -20.12 0.00
N ALA B 117 -9.94 -21.41 -0.28
CA ALA B 117 -10.91 -22.15 -1.07
C ALA B 117 -12.22 -22.34 -0.35
N GLU B 118 -12.20 -22.44 0.99
CA GLU B 118 -13.44 -22.64 1.74
C GLU B 118 -14.38 -21.46 1.57
N GLU B 119 -13.82 -20.25 1.52
CA GLU B 119 -14.64 -19.07 1.25
C GLU B 119 -15.31 -19.18 -0.11
N LEU B 120 -14.55 -19.61 -1.13
CA LEU B 120 -15.10 -19.75 -2.47
C LEU B 120 -16.17 -20.83 -2.52
N ASN B 121 -15.93 -21.98 -1.88
CA ASN B 121 -16.90 -23.06 -1.94
C ASN B 121 -18.23 -22.66 -1.30
N GLN B 122 -18.18 -21.89 -0.22
CA GLN B 122 -19.41 -21.45 0.42
C GLN B 122 -20.24 -20.57 -0.51
N ALA B 123 -19.58 -19.80 -1.38
CA ALA B 123 -20.28 -18.86 -2.24
C ALA B 123 -20.91 -19.54 -3.45
N ILE B 124 -20.25 -20.55 -4.03
CA ILE B 124 -20.75 -21.22 -5.22
C ILE B 124 -21.55 -22.49 -4.89
N ALA B 125 -21.79 -22.75 -3.60
CA ALA B 125 -22.33 -24.05 -3.19
C ALA B 125 -23.71 -24.32 -3.79
N HIS B 126 -24.59 -23.32 -3.80
CA HIS B 126 -25.98 -23.54 -4.18
C HIS B 126 -26.37 -22.77 -5.45
N ILE B 127 -25.41 -22.48 -6.33
CA ILE B 127 -25.72 -21.76 -7.56
C ILE B 127 -26.23 -22.75 -8.61
N ASN B 128 -27.30 -22.38 -9.31
CA ASN B 128 -27.81 -23.13 -10.45
C ASN B 128 -27.31 -22.48 -11.72
N TRP B 129 -26.30 -23.10 -12.34
CA TRP B 129 -25.71 -22.58 -13.57
C TRP B 129 -26.54 -22.99 -14.79
N PRO B 130 -26.56 -22.17 -15.84
CA PRO B 130 -27.25 -22.54 -17.07
C PRO B 130 -26.52 -23.67 -17.80
N ASP B 131 -27.21 -24.24 -18.79
CA ASP B 131 -26.58 -25.24 -19.64
C ASP B 131 -25.52 -24.59 -20.52
N VAL B 132 -24.52 -25.39 -20.91
CA VAL B 132 -23.46 -24.89 -21.79
C VAL B 132 -24.06 -24.32 -23.07
N ARG B 133 -24.97 -25.06 -23.71
CA ARG B 133 -25.64 -24.57 -24.91
C ARG B 133 -26.28 -23.21 -24.68
N GLN B 134 -26.90 -23.02 -23.51
CA GLN B 134 -27.57 -21.75 -23.25
C GLN B 134 -26.58 -20.59 -23.15
N VAL B 135 -25.39 -20.84 -22.60
CA VAL B 135 -24.39 -19.78 -22.48
C VAL B 135 -23.76 -19.45 -23.82
N TRP B 136 -23.51 -20.47 -24.66
CA TRP B 136 -23.05 -20.19 -26.02
C TRP B 136 -24.09 -19.37 -26.77
N ASP B 137 -25.38 -19.70 -26.61
CA ASP B 137 -26.41 -18.90 -27.25
C ASP B 137 -26.40 -17.47 -26.73
N TYR B 138 -26.17 -17.30 -25.42
CA TYR B 138 -26.03 -15.94 -24.88
C TYR B 138 -24.83 -15.23 -25.52
N ARG B 139 -23.68 -15.92 -25.63
CA ARG B 139 -22.50 -15.31 -26.26
C ARG B 139 -22.82 -14.86 -27.68
N ASN B 140 -23.49 -15.73 -28.45
CA ASN B 140 -23.79 -15.36 -29.85
C ASN B 140 -24.67 -14.14 -29.91
N LYS B 141 -25.71 -14.08 -29.07
CA LYS B 141 -26.61 -12.93 -29.10
C LYS B 141 -25.88 -11.67 -28.69
N ALA B 142 -25.01 -11.76 -27.68
CA ALA B 142 -24.24 -10.62 -27.24
C ALA B 142 -23.28 -10.16 -28.33
N TYR B 143 -22.59 -11.11 -28.99
CA TYR B 143 -21.70 -10.75 -30.09
C TYR B 143 -22.43 -9.93 -31.15
N GLU B 144 -23.61 -10.39 -31.57
CA GLU B 144 -24.35 -9.68 -32.61
C GLU B 144 -24.80 -8.32 -32.14
N VAL B 145 -25.24 -8.20 -30.88
CA VAL B 145 -25.69 -6.92 -30.35
C VAL B 145 -24.54 -5.91 -30.22
N ILE B 146 -23.37 -6.37 -29.76
CA ILE B 146 -22.22 -5.46 -29.64
C ILE B 146 -21.73 -5.03 -31.02
N LEU B 147 -21.65 -5.97 -31.96
CA LEU B 147 -21.23 -5.65 -33.31
C LEU B 147 -22.13 -4.58 -33.93
N GLU B 148 -23.44 -4.66 -33.68
CA GLU B 148 -24.35 -3.63 -34.18
C GLU B 148 -24.03 -2.28 -33.57
N VAL B 149 -23.74 -2.24 -32.26
CA VAL B 149 -23.38 -0.97 -31.61
C VAL B 149 -22.18 -0.34 -32.29
N ILE B 150 -21.16 -1.16 -32.58
CA ILE B 150 -19.95 -0.62 -33.21
C ILE B 150 -20.28 -0.02 -34.58
N LYS B 151 -21.01 -0.76 -35.41
CA LYS B 151 -21.30 -0.29 -36.77
C LYS B 151 -22.23 0.91 -36.76
N ASN B 152 -23.08 1.03 -35.75
CA ASN B 152 -24.00 2.14 -35.61
C ASN B 152 -23.42 3.30 -34.81
N THR B 153 -22.14 3.23 -34.44
CA THR B 153 -21.52 4.25 -33.61
C THR B 153 -20.38 4.90 -34.38
N THR B 154 -20.27 6.22 -34.24
CA THR B 154 -19.23 6.99 -34.92
C THR B 154 -17.98 7.08 -34.04
N PHE B 155 -16.82 6.83 -34.64
CA PHE B 155 -15.55 6.81 -33.91
C PHE B 155 -14.86 8.16 -34.11
N ASP B 156 -15.34 9.14 -33.35
CA ASP B 156 -14.76 10.49 -33.34
C ASP B 156 -13.48 10.46 -32.50
N LEU B 157 -12.32 10.69 -33.14
CA LEU B 157 -11.04 10.56 -32.46
C LEU B 157 -10.58 11.87 -31.85
N PRO B 158 -9.85 11.82 -30.73
CA PRO B 158 -9.44 10.60 -30.00
C PRO B 158 -10.52 10.11 -29.05
N ILE B 159 -10.52 8.81 -28.78
CA ILE B 159 -11.42 8.22 -27.80
C ILE B 159 -10.87 8.53 -26.42
N HIS B 160 -11.72 9.08 -25.55
CA HIS B 160 -11.32 9.52 -24.22
C HIS B 160 -12.05 8.72 -23.16
N ALA B 161 -11.54 8.75 -21.93
CA ALA B 161 -12.11 7.97 -20.84
C ALA B 161 -13.51 8.41 -20.46
N SER B 162 -13.91 9.64 -20.75
CA SER B 162 -15.26 10.09 -20.47
C SER B 162 -16.25 9.71 -21.57
N HIS B 163 -15.76 9.23 -22.69
CA HIS B 163 -16.53 8.87 -23.87
C HIS B 163 -17.20 7.50 -23.67
N PRO B 164 -18.46 7.34 -24.10
CA PRO B 164 -19.11 6.03 -23.98
C PRO B 164 -18.30 4.87 -24.55
N LEU B 165 -17.52 5.11 -25.62
CA LEU B 165 -16.78 4.02 -26.25
C LEU B 165 -15.64 3.52 -25.37
N TRP B 166 -15.28 4.24 -24.31
CA TRP B 166 -14.35 3.68 -23.33
C TRP B 166 -14.89 2.37 -22.79
N ALA B 167 -16.22 2.23 -22.68
CA ALA B 167 -16.80 0.99 -22.23
C ALA B 167 -16.45 -0.15 -23.17
N LEU B 168 -16.43 0.10 -24.49
CA LEU B 168 -16.06 -0.95 -25.43
C LEU B 168 -14.58 -1.32 -25.30
N MET B 169 -13.72 -0.29 -25.24
CA MET B 169 -12.29 -0.51 -25.03
C MET B 169 -12.03 -1.35 -23.79
N MET B 170 -12.70 -1.01 -22.68
CA MET B 170 -12.59 -1.77 -21.44
C MET B 170 -13.06 -3.20 -21.62
N GLY B 171 -14.22 -3.39 -22.27
CA GLY B 171 -14.72 -4.74 -22.48
C GLY B 171 -13.78 -5.61 -23.31
N MET B 172 -13.12 -5.02 -24.31
CA MET B 172 -12.17 -5.79 -25.14
C MET B 172 -10.93 -6.18 -24.36
N GLU B 173 -10.34 -5.25 -23.60
CA GLU B 173 -9.17 -5.63 -22.81
C GLU B 173 -9.56 -6.60 -21.70
N HIS B 174 -10.76 -6.44 -21.12
CA HIS B 174 -11.25 -7.40 -20.14
C HIS B 174 -11.34 -8.81 -20.72
N GLN B 175 -11.82 -8.93 -21.96
CA GLN B 175 -11.88 -10.23 -22.61
C GLN B 175 -10.49 -10.81 -22.83
N ARG B 176 -9.55 -9.99 -23.27
CA ARG B 176 -8.21 -10.50 -23.53
C ARG B 176 -7.52 -10.91 -22.24
N ILE B 177 -7.76 -10.17 -21.14
CA ILE B 177 -7.24 -10.59 -19.83
C ILE B 177 -7.81 -11.95 -19.45
N HIS B 178 -9.11 -12.15 -19.65
CA HIS B 178 -9.68 -13.44 -19.31
C HIS B 178 -9.24 -14.56 -20.26
N PHE B 179 -8.83 -14.26 -21.50
CA PHE B 179 -8.14 -15.30 -22.26
C PHE B 179 -6.92 -15.78 -21.47
N GLU B 180 -6.14 -14.83 -20.95
CA GLU B 180 -4.94 -15.18 -20.20
C GLU B 180 -5.30 -15.90 -18.90
N THR B 181 -6.20 -15.34 -18.08
CA THR B 181 -6.45 -16.00 -16.80
C THR B 181 -7.23 -17.30 -16.98
N SER B 182 -8.11 -17.39 -17.99
CA SER B 182 -8.76 -18.67 -18.25
C SER B 182 -7.78 -19.71 -18.77
N SER B 183 -6.74 -19.32 -19.52
CA SER B 183 -5.80 -20.32 -19.96
C SER B 183 -5.15 -21.01 -18.77
N MET B 184 -4.96 -20.28 -17.66
CA MET B 184 -4.38 -20.91 -16.47
C MET B 184 -5.35 -21.89 -15.84
N LEU B 185 -6.66 -21.66 -15.98
CA LEU B 185 -7.65 -22.62 -15.50
C LEU B 185 -7.64 -23.88 -16.35
N LEU B 186 -7.58 -23.74 -17.67
CA LEU B 186 -7.56 -24.92 -18.53
C LEU B 186 -6.29 -25.74 -18.32
N ARG B 187 -5.17 -25.08 -18.03
CA ARG B 187 -3.92 -25.78 -17.76
C ARG B 187 -4.02 -26.66 -16.52
N GLN B 188 -4.97 -26.36 -15.63
CA GLN B 188 -5.19 -27.12 -14.41
C GLN B 188 -6.18 -28.26 -14.62
N LEU B 189 -6.72 -28.41 -15.83
CA LEU B 189 -7.54 -29.56 -16.16
C LEU B 189 -6.64 -30.70 -16.60
N PRO B 190 -7.04 -31.95 -16.40
CA PRO B 190 -6.28 -33.07 -16.98
C PRO B 190 -6.12 -32.92 -18.49
N THR B 191 -4.96 -33.39 -19.01
CA THR B 191 -4.70 -33.22 -20.44
C THR B 191 -5.78 -33.90 -21.29
N GLU B 192 -6.36 -35.00 -20.80
CA GLU B 192 -7.33 -35.73 -21.61
C GLU B 192 -8.66 -35.00 -21.72
N LYS B 193 -8.84 -33.92 -20.96
CA LYS B 193 -10.08 -33.15 -21.01
C LYS B 193 -10.01 -31.96 -21.95
N VAL B 194 -8.84 -31.66 -22.50
CA VAL B 194 -8.69 -30.53 -23.41
C VAL B 194 -8.06 -30.99 -24.70
N GLU B 195 -8.35 -30.26 -25.77
CA GLU B 195 -7.88 -30.56 -27.12
C GLU B 195 -7.06 -29.37 -27.60
N LYS B 196 -5.77 -29.59 -27.82
CA LYS B 196 -4.88 -28.56 -28.32
C LYS B 196 -5.40 -28.02 -29.65
N PRO B 197 -5.57 -26.70 -29.80
CA PRO B 197 -6.06 -26.15 -31.07
C PRO B 197 -5.09 -26.42 -32.22
N GLN B 198 -5.66 -26.62 -33.40
CA GLN B 198 -4.83 -26.79 -34.59
C GLN B 198 -3.90 -25.61 -34.74
N GLY B 199 -2.62 -25.89 -35.00
CA GLY B 199 -1.62 -24.87 -35.21
C GLY B 199 -0.95 -24.36 -33.95
N TRP B 200 -1.40 -24.77 -32.76
CA TRP B 200 -0.77 -24.34 -31.52
C TRP B 200 0.66 -24.85 -31.47
N GLN B 201 1.61 -23.96 -31.19
CA GLN B 201 3.02 -24.33 -31.23
C GLN B 201 3.69 -23.90 -29.92
N TYR B 202 4.26 -24.86 -29.20
CA TYR B 202 5.11 -24.54 -28.07
C TYR B 202 6.47 -24.05 -28.58
N ALA B 203 7.18 -23.31 -27.73
CA ALA B 203 8.55 -22.91 -28.04
C ALA B 203 9.47 -24.13 -28.01
N PRO B 204 10.66 -24.04 -28.62
CA PRO B 204 11.64 -25.12 -28.50
C PRO B 204 12.00 -25.36 -27.05
N SER B 205 12.15 -26.63 -26.67
CA SER B 205 12.48 -26.94 -25.28
C SER B 205 13.92 -26.56 -24.95
N GLN B 206 14.76 -26.40 -25.95
CA GLN B 206 16.14 -25.96 -25.76
C GLN B 206 16.52 -24.81 -26.68
C THR B 211 24.73 -17.63 -17.17
N ASN B 212 24.12 -17.52 -15.98
CA ASN B 212 23.21 -16.42 -15.63
C ASN B 212 23.94 -15.40 -14.73
N LYS B 213 24.70 -14.51 -15.36
CA LYS B 213 25.49 -13.58 -14.58
C LYS B 213 24.67 -12.37 -14.10
N MET B 214 25.18 -11.74 -13.04
CA MET B 214 24.66 -10.49 -12.48
C MET B 214 25.14 -9.31 -13.31
N ILE B 215 24.22 -8.42 -13.69
CA ILE B 215 24.51 -7.22 -14.48
C ILE B 215 24.25 -5.98 -13.64
N LEU B 216 25.16 -5.02 -13.71
CA LEU B 216 24.94 -3.74 -13.06
C LEU B 216 23.89 -2.95 -13.84
N VAL B 217 22.78 -2.66 -13.19
CA VAL B 217 21.78 -1.72 -13.71
C VAL B 217 22.07 -0.36 -13.09
N GLU B 218 22.50 0.59 -13.92
CA GLU B 218 22.88 1.90 -13.40
C GLU B 218 21.65 2.67 -12.92
N GLY B 219 21.80 3.37 -11.81
CA GLY B 219 20.69 4.08 -11.23
C GLY B 219 20.21 5.24 -12.09
N GLY B 220 18.97 5.65 -11.83
CA GLY B 220 18.36 6.78 -12.51
C GLY B 220 17.03 7.11 -11.88
N THR B 221 16.44 8.23 -12.32
CA THR B 221 15.11 8.61 -11.85
C THR B 221 14.07 8.16 -12.87
N VAL B 222 13.13 7.34 -12.41
CA VAL B 222 12.07 6.80 -13.29
C VAL B 222 10.76 7.52 -13.03
N THR B 223 9.94 7.60 -14.07
CA THR B 223 8.60 8.14 -13.99
C THR B 223 7.62 6.98 -14.10
N LEU B 224 6.85 6.75 -13.04
CA LEU B 224 5.79 5.75 -13.04
C LEU B 224 4.45 6.43 -13.30
N GLY B 225 3.55 5.68 -13.92
CA GLY B 225 2.18 6.13 -14.12
C GLY B 225 1.93 6.49 -15.57
N LYS B 226 0.70 6.89 -15.82
CA LYS B 226 0.22 7.18 -17.15
C LYS B 226 -0.52 8.51 -17.10
N ALA B 227 -0.25 9.36 -18.09
CA ALA B 227 -0.96 10.63 -18.19
C ALA B 227 -2.40 10.41 -18.61
N LYS B 228 -3.29 11.28 -18.13
CA LYS B 228 -4.72 11.13 -18.40
C LYS B 228 -5.03 11.10 -19.90
N ASP B 229 -4.27 11.83 -20.72
CA ASP B 229 -4.54 11.98 -22.14
C ASP B 229 -3.71 11.03 -23.00
N ASN B 230 -3.04 10.07 -22.38
CA ASN B 230 -2.27 9.11 -23.15
C ASN B 230 -3.19 8.35 -24.10
N PRO B 231 -2.88 8.31 -25.41
CA PRO B 231 -3.80 7.74 -26.40
C PRO B 231 -3.79 6.21 -26.47
N LEU B 232 -3.77 5.57 -25.31
CA LEU B 232 -3.89 4.13 -25.20
C LEU B 232 -4.93 3.84 -24.13
N TYR B 233 -5.79 2.85 -24.36
CA TYR B 233 -6.67 2.44 -23.29
C TYR B 233 -5.83 2.00 -22.08
N GLY B 234 -6.26 2.39 -20.87
CA GLY B 234 -5.70 1.80 -19.66
C GLY B 234 -6.73 1.69 -18.53
N TRP B 235 -6.41 0.84 -17.55
CA TRP B 235 -7.25 0.68 -16.36
C TRP B 235 -6.92 1.77 -15.33
N ASP B 236 -7.86 2.03 -14.40
CA ASP B 236 -7.71 3.18 -13.50
C ASP B 236 -6.38 3.15 -12.73
N CYS B 237 -5.93 1.98 -12.29
CA CYS B 237 -4.71 1.93 -11.47
C CYS B 237 -3.44 2.20 -12.27
N GLU B 238 -3.51 2.31 -13.59
CA GLU B 238 -2.34 2.63 -14.40
C GLU B 238 -2.01 4.11 -14.32
N TYR B 239 -3.00 4.93 -13.97
CA TYR B 239 -2.88 6.38 -14.05
C TYR B 239 -2.32 7.01 -12.78
N GLY B 240 -1.67 8.16 -12.96
CA GLY B 240 -1.01 8.87 -11.89
C GLY B 240 0.40 9.22 -12.29
N ASP B 241 1.18 9.72 -11.34
CA ASP B 241 2.51 10.24 -11.63
C ASP B 241 3.37 10.08 -10.39
N ARG B 242 4.48 9.37 -10.52
CA ARG B 242 5.41 9.20 -9.40
C ARG B 242 6.83 9.20 -9.93
N LEU B 243 7.65 10.13 -9.42
CA LEU B 243 9.08 10.14 -9.69
C LEU B 243 9.79 9.34 -8.63
N VAL B 244 10.63 8.38 -9.04
CA VAL B 244 11.38 7.58 -8.08
C VAL B 244 12.85 7.62 -8.43
N LYS B 245 13.70 8.06 -7.49
CA LYS B 245 15.14 7.98 -7.65
CA LYS B 245 15.15 7.98 -7.66
C LYS B 245 15.58 6.56 -7.29
N VAL B 246 15.99 5.78 -8.29
CA VAL B 246 16.36 4.38 -8.11
C VAL B 246 17.87 4.28 -8.04
N ASP B 247 18.41 3.71 -6.96
CA ASP B 247 19.84 3.48 -6.89
C ASP B 247 20.26 2.34 -7.83
N SER B 248 21.54 2.35 -8.21
CA SER B 248 22.11 1.24 -8.98
C SER B 248 21.94 -0.07 -8.21
N PHE B 249 21.77 -1.17 -8.95
CA PHE B 249 21.58 -2.49 -8.35
C PHE B 249 22.08 -3.54 -9.35
N PHE B 250 22.32 -4.77 -8.86
CA PHE B 250 22.71 -5.85 -9.76
C PHE B 250 21.50 -6.74 -10.02
N ALA B 251 21.36 -7.21 -11.26
CA ALA B 251 20.23 -8.05 -11.62
C ALA B 251 20.70 -9.18 -12.52
N SER B 252 20.14 -10.37 -12.32
CA SER B 252 20.50 -11.50 -13.18
C SER B 252 20.02 -11.26 -14.62
N GLN B 253 20.90 -11.53 -15.59
CA GLN B 253 20.54 -11.23 -16.98
C GLN B 253 19.37 -12.08 -17.45
N TYR B 254 19.22 -13.28 -16.90
CA TYR B 254 18.08 -14.12 -17.23
C TYR B 254 17.13 -14.30 -16.06
N LEU B 255 15.87 -14.57 -16.40
CA LEU B 255 14.93 -15.09 -15.43
C LEU B 255 15.48 -16.40 -14.86
N VAL B 256 15.16 -16.66 -13.60
CA VAL B 256 15.54 -17.94 -13.00
C VAL B 256 14.89 -19.06 -13.78
N THR B 257 15.71 -20.04 -14.20
CA THR B 257 15.26 -21.10 -15.08
C THR B 257 14.77 -22.31 -14.28
N ASN B 258 14.11 -23.22 -15.00
CA ASN B 258 13.69 -24.48 -14.41
C ASN B 258 14.89 -25.26 -13.87
N GLY B 259 16.01 -25.26 -14.60
CA GLY B 259 17.21 -25.94 -14.13
C GLY B 259 17.79 -25.32 -12.88
N GLU B 260 17.78 -23.99 -12.80
CA GLU B 260 18.27 -23.33 -11.59
C GLU B 260 17.38 -23.65 -10.39
N PHE B 261 16.07 -23.65 -10.61
CA PHE B 261 15.14 -23.94 -9.53
C PHE B 261 15.23 -25.39 -9.10
N LEU B 262 15.56 -26.28 -10.04
CA LEU B 262 15.75 -27.69 -9.72
C LEU B 262 16.90 -27.87 -8.73
N GLU B 263 17.97 -27.09 -8.87
CA GLU B 263 19.04 -27.15 -7.88
C GLU B 263 18.55 -26.77 -6.48
N PHE B 264 17.68 -25.74 -6.39
CA PHE B 264 17.07 -25.34 -5.12
C PHE B 264 16.28 -26.50 -4.51
N ILE B 265 15.48 -27.19 -5.32
CA ILE B 265 14.74 -28.35 -4.85
C ILE B 265 15.71 -29.42 -4.34
N ASN B 266 16.77 -29.70 -5.10
CA ASN B 266 17.69 -30.76 -4.74
C ASN B 266 18.54 -30.40 -3.52
N ARG B 267 18.64 -29.11 -3.18
CA ARG B 267 19.27 -28.69 -1.94
C ARG B 267 18.26 -28.47 -0.83
N LYS B 268 17.12 -29.17 -0.91
CA LYS B 268 16.12 -29.25 0.16
C LYS B 268 15.39 -27.93 0.34
N GLY B 269 15.22 -27.19 -0.76
CA GLY B 269 14.60 -25.86 -0.68
C GLY B 269 13.21 -25.86 -0.06
N TYR B 270 12.38 -26.85 -0.42
CA TYR B 270 11.02 -26.87 0.13
C TYR B 270 10.96 -27.43 1.54
N GLU B 271 12.03 -28.06 2.02
CA GLU B 271 12.01 -28.67 3.34
C GLU B 271 12.73 -27.85 4.40
N THR B 272 13.37 -26.75 4.02
CA THR B 272 14.18 -25.97 4.95
C THR B 272 13.42 -24.70 5.36
N GLN B 273 12.83 -24.74 6.56
CA GLN B 273 11.95 -23.67 7.03
C GLN B 273 12.64 -22.32 7.06
N SER B 274 13.95 -22.28 7.28
CA SER B 274 14.66 -21.01 7.36
C SER B 274 14.64 -20.25 6.04
N TYR B 275 14.36 -20.92 4.91
CA TYR B 275 14.31 -20.20 3.64
C TYR B 275 12.97 -19.51 3.43
N TRP B 276 11.95 -19.86 4.21
CA TRP B 276 10.60 -19.35 4.08
C TRP B 276 10.35 -18.33 5.20
N ASN B 277 9.11 -17.88 5.35
CA ASN B 277 8.70 -17.10 6.50
C ASN B 277 7.45 -17.74 7.10
N GLU B 278 7.01 -17.23 8.26
CA GLU B 278 5.86 -17.83 8.94
C GLU B 278 4.65 -17.98 8.03
N LYS B 279 4.31 -16.93 7.28
CA LYS B 279 3.11 -17.00 6.44
C LYS B 279 3.31 -17.93 5.25
N SER B 280 4.48 -17.87 4.60
CA SER B 280 4.66 -18.70 3.42
C SER B 280 4.88 -20.16 3.80
N TRP B 281 5.57 -20.40 4.92
CA TRP B 281 5.74 -21.78 5.41
C TRP B 281 4.39 -22.40 5.74
N GLN B 282 3.51 -21.65 6.40
CA GLN B 282 2.18 -22.16 6.68
C GLN B 282 1.43 -22.50 5.39
N TRP B 283 1.54 -21.64 4.36
CA TRP B 283 0.91 -21.96 3.09
C TRP B 283 1.46 -23.25 2.51
N LYS B 284 2.78 -23.41 2.55
CA LYS B 284 3.45 -24.57 1.96
C LYS B 284 3.02 -25.85 2.66
N GLU B 285 2.99 -25.82 3.99
CA GLU B 285 2.58 -26.97 4.78
C GLU B 285 1.12 -27.32 4.53
N GLU B 286 0.24 -26.31 4.60
CA GLU B 286 -1.19 -26.57 4.44
C GLU B 286 -1.52 -27.20 3.09
N ASN B 287 -0.83 -26.77 2.02
CA ASN B 287 -1.11 -27.29 0.67
C ASN B 287 -0.12 -28.36 0.24
N LYS B 288 0.75 -28.82 1.14
CA LYS B 288 1.60 -30.00 0.93
C LYS B 288 2.50 -29.82 -0.29
N VAL B 289 3.07 -28.63 -0.44
CA VAL B 289 3.78 -28.28 -1.66
C VAL B 289 5.20 -28.82 -1.61
N LYS B 290 5.62 -29.51 -2.67
CA LYS B 290 7.00 -30.07 -2.75
C LYS B 290 7.74 -29.63 -4.02
N ASN B 291 7.04 -28.97 -4.92
CA ASN B 291 7.66 -28.56 -6.20
C ASN B 291 6.74 -27.54 -6.89
N PRO B 292 7.20 -26.87 -7.94
CA PRO B 292 6.32 -25.98 -8.69
C PRO B 292 5.00 -26.62 -9.15
N LYS B 293 3.98 -25.79 -9.30
CA LYS B 293 2.62 -26.31 -9.58
C LYS B 293 2.58 -27.21 -10.82
N PHE B 294 3.30 -26.85 -11.87
CA PHE B 294 3.14 -27.61 -13.14
C PHE B 294 4.28 -28.62 -13.36
N TRP B 295 4.99 -28.98 -12.28
CA TRP B 295 5.97 -30.06 -12.35
C TRP B 295 5.34 -31.32 -11.76
N GLN B 296 5.76 -32.49 -12.26
CA GLN B 296 5.40 -33.76 -11.65
C GLN B 296 6.63 -34.66 -11.66
N PHE B 297 6.98 -35.21 -10.50
CA PHE B 297 8.17 -36.04 -10.37
C PHE B 297 7.84 -37.47 -10.77
N ASN B 298 8.67 -38.06 -11.63
CA ASN B 298 8.48 -39.43 -12.07
C ASN B 298 9.80 -39.94 -12.63
N ASN B 299 10.16 -41.19 -12.31
CA ASN B 299 11.34 -41.82 -12.93
C ASN B 299 12.61 -41.00 -12.65
N GLY B 300 12.71 -40.43 -11.45
CA GLY B 300 13.88 -39.66 -11.09
C GLY B 300 14.01 -38.29 -11.72
N LYS B 301 13.02 -37.82 -12.47
CA LYS B 301 13.11 -36.53 -13.14
C LYS B 301 11.74 -35.88 -13.13
N TYR B 302 11.66 -34.65 -13.61
CA TYR B 302 10.39 -33.92 -13.57
C TYR B 302 9.80 -33.82 -14.98
N SER B 303 8.52 -34.14 -15.08
CA SER B 303 7.75 -33.76 -16.24
C SER B 303 7.15 -32.37 -15.99
N TYR B 304 6.77 -31.70 -17.07
CA TYR B 304 6.28 -30.34 -17.04
C TYR B 304 4.95 -30.27 -17.78
N ARG B 305 3.96 -29.59 -17.19
CA ARG B 305 2.67 -29.41 -17.86
C ARG B 305 2.63 -28.07 -18.60
N ALA B 306 2.75 -28.14 -19.92
CA ALA B 306 2.43 -27.03 -20.80
C ALA B 306 0.92 -26.89 -20.90
N MET B 307 0.42 -26.04 -21.79
CA MET B 307 -1.02 -25.79 -21.84
C MET B 307 -1.81 -27.07 -22.03
N PHE B 308 -1.41 -27.94 -22.96
CA PHE B 308 -2.22 -29.09 -23.34
C PHE B 308 -1.50 -30.44 -23.25
N ASP B 309 -0.23 -30.45 -22.89
CA ASP B 309 0.61 -31.64 -22.93
C ASP B 309 1.57 -31.63 -21.76
N GLU B 310 1.91 -32.83 -21.28
CA GLU B 310 3.03 -33.01 -20.36
C GLU B 310 4.27 -33.38 -21.18
N ILE B 311 5.39 -32.71 -20.93
CA ILE B 311 6.64 -32.87 -21.69
C ILE B 311 7.81 -32.91 -20.73
N PRO B 312 8.98 -33.38 -21.17
CA PRO B 312 10.15 -33.34 -20.27
C PRO B 312 10.46 -31.91 -19.88
N LEU B 313 10.89 -31.73 -18.63
CA LEU B 313 11.13 -30.38 -18.09
C LEU B 313 12.09 -29.61 -18.98
N PRO B 314 11.65 -28.47 -19.57
CA PRO B 314 12.58 -27.65 -20.36
C PRO B 314 13.47 -26.83 -19.45
N LEU B 315 14.74 -27.24 -19.33
CA LEU B 315 15.59 -26.73 -18.27
C LEU B 315 15.90 -25.24 -18.42
N ASP B 316 15.87 -24.72 -19.63
CA ASP B 316 16.25 -23.33 -19.86
CA ASP B 316 16.25 -23.34 -19.89
C ASP B 316 15.06 -22.39 -19.98
N TRP B 317 13.83 -22.90 -19.88
CA TRP B 317 12.67 -22.01 -19.78
C TRP B 317 12.66 -21.37 -18.38
N PRO B 318 12.06 -20.20 -18.24
CA PRO B 318 11.95 -19.61 -16.89
C PRO B 318 11.03 -20.44 -16.01
N VAL B 319 11.40 -20.56 -14.72
CA VAL B 319 10.54 -21.31 -13.79
C VAL B 319 9.26 -20.52 -13.49
N GLU B 320 8.16 -21.23 -13.35
CA GLU B 320 6.85 -20.64 -13.05
C GLU B 320 6.51 -20.93 -11.60
N VAL B 321 6.43 -19.89 -10.77
CA VAL B 321 6.28 -19.99 -9.33
C VAL B 321 5.28 -18.95 -8.87
N ASN B 322 4.79 -19.10 -7.63
CA ASN B 322 4.09 -18.00 -6.98
C ASN B 322 5.11 -17.18 -6.19
N TYR B 323 4.62 -16.11 -5.53
CA TYR B 323 5.55 -15.18 -4.87
C TYR B 323 6.26 -15.85 -3.71
N TYR B 324 5.54 -16.70 -2.95
CA TYR B 324 6.14 -17.39 -1.82
C TYR B 324 7.34 -18.23 -2.26
N GLU B 325 7.19 -18.94 -3.37
CA GLU B 325 8.26 -19.79 -3.90
C GLU B 325 9.44 -18.97 -4.38
N ALA B 326 9.17 -17.87 -5.08
CA ALA B 326 10.26 -16.99 -5.50
C ALA B 326 11.07 -16.51 -4.30
N MET B 327 10.39 -16.10 -3.23
CA MET B 327 11.14 -15.58 -2.08
C MET B 327 11.87 -16.69 -1.32
N ALA B 328 11.32 -17.91 -1.31
CA ALA B 328 12.04 -19.00 -0.69
C ALA B 328 13.34 -19.29 -1.44
N TYR B 329 13.31 -19.24 -2.78
CA TYR B 329 14.52 -19.38 -3.57
C TYR B 329 15.55 -18.33 -3.20
N CYS B 330 15.11 -17.07 -3.03
CA CYS B 330 16.03 -16.02 -2.62
C CYS B 330 16.60 -16.32 -1.23
N GLY B 331 15.78 -16.92 -0.36
CA GLY B 331 16.26 -17.29 0.97
C GLY B 331 17.37 -18.32 0.91
N TRP B 332 17.21 -19.30 0.03
CA TRP B 332 18.27 -20.29 -0.18
C TRP B 332 19.52 -19.64 -0.77
N LYS B 333 19.36 -18.73 -1.74
CA LYS B 333 20.52 -18.08 -2.32
C LYS B 333 21.26 -17.22 -1.29
N GLY B 334 20.52 -16.60 -0.37
CA GLY B 334 21.16 -15.76 0.63
C GLY B 334 21.87 -14.57 0.01
N LYS B 335 22.93 -14.11 0.68
CA LYS B 335 23.89 -13.15 0.12
C LYS B 335 23.21 -11.88 -0.38
N GLY B 336 22.11 -11.49 0.25
CA GLY B 336 21.40 -10.27 -0.11
C GLY B 336 20.50 -10.37 -1.32
N THR B 337 20.14 -11.59 -1.74
CA THR B 337 19.28 -11.79 -2.89
C THR B 337 17.82 -11.41 -2.59
N ARG B 338 17.16 -10.73 -3.54
CA ARG B 338 15.79 -10.25 -3.35
C ARG B 338 15.15 -10.07 -4.72
N LEU B 339 13.90 -9.60 -4.72
CA LEU B 339 13.20 -9.21 -5.94
C LEU B 339 13.23 -7.70 -6.12
N MET B 340 13.06 -7.29 -7.38
CA MET B 340 13.00 -5.88 -7.74
C MET B 340 11.72 -5.24 -7.22
N SER B 341 11.80 -3.93 -6.97
CA SER B 341 10.61 -3.11 -6.81
C SER B 341 10.01 -2.77 -8.18
N GLU B 342 8.80 -2.21 -8.17
CA GLU B 342 8.20 -1.72 -9.41
C GLU B 342 9.11 -0.69 -10.08
N ALA B 343 9.66 0.26 -9.30
CA ALA B 343 10.48 1.29 -9.93
C ALA B 343 11.73 0.68 -10.53
N GLU B 344 12.30 -0.34 -9.87
CA GLU B 344 13.51 -0.98 -10.38
C GLU B 344 13.25 -1.72 -11.69
N TRP B 345 12.13 -2.47 -11.77
CA TRP B 345 11.81 -3.16 -13.01
C TRP B 345 11.61 -2.15 -14.14
N ASN B 346 10.97 -1.03 -13.83
CA ASN B 346 10.73 0.00 -14.84
C ASN B 346 12.03 0.60 -15.32
N LEU B 347 12.96 0.87 -14.40
CA LEU B 347 14.27 1.38 -14.78
C LEU B 347 14.99 0.38 -15.69
N ALA B 348 14.99 -0.89 -15.31
CA ALA B 348 15.71 -1.87 -16.12
C ALA B 348 15.05 -2.07 -17.49
N ALA B 349 13.73 -1.97 -17.58
CA ALA B 349 13.02 -2.28 -18.82
C ALA B 349 12.92 -1.08 -19.76
N TYR B 350 12.71 0.12 -19.22
CA TYR B 350 12.45 1.29 -20.04
C TYR B 350 13.43 2.45 -19.82
N GLY B 351 14.34 2.36 -18.86
CA GLY B 351 15.32 3.42 -18.66
C GLY B 351 14.78 4.58 -17.82
N SER B 352 15.40 5.74 -17.99
CA SER B 352 15.11 6.90 -17.14
C SER B 352 14.70 8.13 -17.95
N ASN B 353 13.96 7.95 -19.04
CA ASN B 353 13.43 9.10 -19.78
C ASN B 353 12.14 9.60 -19.15
N ASP B 354 11.93 10.92 -19.24
CA ASP B 354 10.72 11.54 -18.69
C ASP B 354 9.57 11.59 -19.70
N ASN B 355 9.79 11.16 -20.94
CA ASN B 355 8.77 11.24 -21.98
C ASN B 355 8.90 10.04 -22.92
N TYR B 356 8.91 8.83 -22.36
CA TYR B 356 9.01 7.62 -23.18
C TYR B 356 7.73 7.44 -24.01
N GLN B 357 7.91 7.15 -25.30
CA GLN B 357 6.80 6.93 -26.24
C GLN B 357 6.71 5.45 -26.61
N VAL B 358 5.56 4.83 -26.29
CA VAL B 358 5.35 3.44 -26.65
C VAL B 358 5.32 3.26 -28.16
N ASP B 359 5.96 2.19 -28.64
CA ASP B 359 5.91 1.74 -30.02
C ASP B 359 5.27 0.37 -30.02
N ILE B 360 3.99 0.31 -30.41
CA ILE B 360 3.22 -0.93 -30.28
C ILE B 360 3.89 -2.07 -31.01
N GLU B 361 4.52 -1.80 -32.17
CA GLU B 361 5.15 -2.88 -32.93
C GLU B 361 6.29 -3.56 -32.16
N LYS B 362 6.88 -2.89 -31.16
CA LYS B 362 7.94 -3.55 -30.39
C LYS B 362 7.44 -4.79 -29.65
N VAL B 363 6.12 -4.96 -29.52
CA VAL B 363 5.59 -6.18 -28.89
C VAL B 363 6.07 -7.42 -29.65
N ASN B 364 6.29 -7.30 -30.97
CA ASN B 364 6.79 -8.40 -31.77
C ASN B 364 8.23 -8.81 -31.42
N ASP B 365 8.95 -8.02 -30.63
CA ASP B 365 10.33 -8.32 -30.30
C ASP B 365 10.47 -9.20 -29.07
N TYR B 366 9.36 -9.52 -28.40
CA TYR B 366 9.39 -10.29 -27.16
C TYR B 366 8.44 -11.46 -27.27
N ASN B 367 8.59 -12.42 -26.35
CA ASN B 367 7.64 -13.53 -26.28
C ASN B 367 6.36 -13.03 -25.62
N LEU B 368 5.56 -12.32 -26.42
CA LEU B 368 4.28 -11.74 -26.06
C LEU B 368 3.28 -12.04 -27.16
N ASN B 369 1.98 -11.88 -26.86
CA ASN B 369 0.95 -11.85 -27.93
C ASN B 369 0.92 -13.12 -28.77
N LEU B 370 1.16 -14.26 -28.11
CA LEU B 370 1.08 -15.58 -28.74
C LEU B 370 2.12 -15.77 -29.84
N LYS B 371 3.28 -15.11 -29.70
CA LYS B 371 4.41 -15.42 -30.56
C LYS B 371 4.74 -16.91 -30.48
N PHE B 372 4.71 -17.45 -29.25
CA PHE B 372 4.75 -18.87 -28.95
C PHE B 372 3.53 -19.21 -28.11
N GLY B 373 3.24 -20.50 -27.99
CA GLY B 373 2.15 -20.93 -27.14
C GLY B 373 2.65 -21.50 -25.83
N SER B 374 3.77 -20.97 -25.36
CA SER B 374 4.46 -21.43 -24.15
C SER B 374 5.54 -20.43 -23.79
N PRO B 375 6.13 -20.54 -22.59
CA PRO B 375 7.40 -19.85 -22.33
C PRO B 375 8.47 -20.31 -23.30
N SER B 376 9.55 -19.56 -23.40
CA SER B 376 10.66 -19.84 -24.30
C SER B 376 11.96 -19.92 -23.51
N PRO B 377 12.96 -20.64 -24.02
CA PRO B 377 14.28 -20.64 -23.36
C PRO B 377 14.74 -19.21 -23.15
N VAL B 378 15.31 -18.92 -21.97
CA VAL B 378 15.73 -17.55 -21.72
C VAL B 378 16.78 -17.16 -22.75
N GLY B 379 16.62 -15.98 -23.34
CA GLY B 379 17.51 -15.51 -24.38
C GLY B 379 17.29 -16.08 -25.77
N LEU B 380 16.34 -17.01 -25.97
CA LEU B 380 16.14 -17.59 -27.31
C LEU B 380 15.57 -16.57 -28.29
N VAL B 381 14.66 -15.72 -27.81
CA VAL B 381 14.14 -14.63 -28.64
C VAL B 381 15.22 -13.54 -28.72
N LYS B 382 15.94 -13.50 -29.83
CA LYS B 382 17.17 -12.72 -29.91
C LYS B 382 16.93 -11.21 -29.85
N THR B 383 15.69 -10.76 -30.05
CA THR B 383 15.36 -9.35 -30.01
C THR B 383 14.85 -8.91 -28.64
N ALA B 384 14.84 -9.81 -27.65
CA ALA B 384 14.21 -9.54 -26.37
C ALA B 384 15.20 -9.09 -25.28
N GLN B 385 16.37 -8.58 -25.65
CA GLN B 385 17.31 -8.02 -24.68
C GLN B 385 17.04 -6.54 -24.51
N SER B 386 16.71 -6.12 -23.29
CA SER B 386 16.51 -4.70 -23.04
C SER B 386 17.86 -3.96 -23.06
N HIS B 387 17.78 -2.62 -23.17
CA HIS B 387 19.00 -1.82 -23.27
C HIS B 387 19.89 -1.99 -22.05
N SER B 388 19.29 -2.24 -20.88
CA SER B 388 20.06 -2.52 -19.68
C SER B 388 20.90 -3.79 -19.78
N GLY B 389 20.67 -4.63 -20.79
CA GLY B 389 21.34 -5.90 -20.88
C GLY B 389 20.59 -7.10 -20.33
N LEU B 390 19.44 -6.88 -19.66
CA LEU B 390 18.65 -7.99 -19.13
C LEU B 390 17.75 -8.57 -20.22
N TRP B 391 17.58 -9.90 -20.21
CA TRP B 391 16.77 -10.59 -21.21
C TRP B 391 15.37 -10.89 -20.68
N ASP B 392 14.36 -10.76 -21.54
CA ASP B 392 12.96 -11.10 -21.21
C ASP B 392 12.43 -10.35 -20.00
N LEU B 393 12.81 -9.06 -19.85
CA LEU B 393 12.09 -8.24 -18.88
C LEU B 393 10.65 -8.06 -19.34
N ARG B 394 10.45 -7.90 -20.63
CA ARG B 394 9.14 -7.95 -21.26
C ARG B 394 8.96 -9.35 -21.82
N GLY B 395 7.79 -9.94 -21.57
CA GLY B 395 7.42 -11.19 -22.20
C GLY B 395 8.00 -12.42 -21.53
N ASN B 396 7.75 -13.56 -22.17
CA ASN B 396 8.11 -14.90 -21.70
C ASN B 396 7.29 -15.38 -20.51
N VAL B 397 7.41 -14.71 -19.36
CA VAL B 397 6.50 -14.93 -18.23
C VAL B 397 6.48 -13.61 -17.47
N TRP B 398 5.34 -13.30 -16.82
CA TRP B 398 5.31 -12.16 -15.91
C TRP B 398 6.44 -12.31 -14.90
N GLU B 399 7.00 -11.21 -14.38
CA GLU B 399 7.91 -11.39 -13.26
C GLU B 399 7.34 -10.73 -12.01
N TRP B 400 7.30 -11.51 -10.94
CA TRP B 400 6.95 -11.03 -9.61
C TRP B 400 7.90 -9.93 -9.16
N LEU B 401 7.36 -9.01 -8.35
CA LEU B 401 8.11 -7.90 -7.79
C LEU B 401 7.79 -7.81 -6.31
N ASP B 402 8.80 -7.42 -5.52
CA ASP B 402 8.57 -7.14 -4.10
C ASP B 402 7.99 -5.73 -3.98
N GLU B 403 6.68 -5.65 -4.22
CA GLU B 403 5.95 -4.38 -4.29
C GLU B 403 4.49 -4.68 -3.96
N ASN B 404 4.00 -4.17 -2.84
CA ASN B 404 2.57 -4.32 -2.56
C ASN B 404 1.76 -3.45 -3.54
N PHE B 405 0.73 -4.04 -4.16
CA PHE B 405 -0.11 -3.27 -5.09
C PHE B 405 -0.66 -2.03 -4.39
N HIS B 406 -0.51 -0.88 -5.03
CA HIS B 406 -0.78 0.38 -4.36
C HIS B 406 -1.07 1.41 -5.43
N PRO B 407 -1.81 2.47 -5.11
CA PRO B 407 -2.10 3.50 -6.11
C PRO B 407 -0.94 4.45 -6.25
N LEU B 408 -0.82 4.99 -7.46
CA LEU B 408 0.10 6.09 -7.67
C LEU B 408 -0.60 7.40 -7.38
N PRO B 409 0.15 8.45 -7.07
CA PRO B 409 -0.47 9.75 -6.82
C PRO B 409 -1.23 10.21 -8.06
N GLY B 410 -2.49 10.62 -7.88
CA GLY B 410 -3.34 10.98 -8.99
C GLY B 410 -4.36 9.93 -9.35
N PHE B 411 -4.23 8.72 -8.79
CA PHE B 411 -5.19 7.65 -9.01
C PHE B 411 -6.62 8.12 -8.72
N GLU B 412 -7.56 7.69 -9.56
CA GLU B 412 -8.98 7.89 -9.38
C GLU B 412 -9.72 6.70 -9.97
N PRO B 413 -10.67 6.10 -9.24
CA PRO B 413 -11.47 5.02 -9.83
C PRO B 413 -12.32 5.56 -10.97
N HIS B 414 -12.59 4.69 -11.95
CA HIS B 414 -13.47 5.03 -13.06
C HIS B 414 -14.91 4.66 -12.73
N PHE B 415 -15.85 5.55 -13.12
CA PHE B 415 -17.26 5.32 -12.81
C PHE B 415 -17.78 4.03 -13.45
N LEU B 416 -17.16 3.59 -14.55
CA LEU B 416 -17.63 2.37 -15.18
C LEU B 416 -17.35 1.14 -14.34
N TYR B 417 -16.40 1.20 -13.42
CA TYR B 417 -15.95 0.01 -12.71
C TYR B 417 -15.20 0.46 -11.45
N GLU B 418 -15.97 0.95 -10.46
CA GLU B 418 -15.36 1.64 -9.33
C GLU B 418 -14.45 0.74 -8.50
N ASP B 419 -14.75 -0.56 -8.44
CA ASP B 419 -13.98 -1.46 -7.60
CA ASP B 419 -14.03 -1.51 -7.63
C ASP B 419 -12.97 -2.27 -8.41
N ASN B 420 -12.52 -1.75 -9.56
CA ASN B 420 -11.51 -2.47 -10.35
C ASN B 420 -10.25 -2.74 -9.52
N SER B 421 -9.75 -1.73 -8.79
CA SER B 421 -8.46 -1.88 -8.13
C SER B 421 -8.46 -1.41 -6.69
N ALA B 422 -9.28 -0.40 -6.36
CA ALA B 422 -9.32 0.16 -5.01
C ALA B 422 -9.49 -0.89 -3.90
N PRO B 423 -10.28 -1.95 -4.06
CA PRO B 423 -10.39 -2.95 -2.99
C PRO B 423 -9.09 -3.69 -2.69
N PHE B 424 -8.12 -3.65 -3.62
CA PHE B 424 -6.96 -4.53 -3.55
C PHE B 424 -5.69 -3.81 -3.15
N PHE B 425 -5.81 -2.56 -2.73
CA PHE B 425 -4.71 -1.80 -2.11
C PHE B 425 -4.66 -2.12 -0.63
N ASP B 426 -4.36 -3.39 -0.32
CA ASP B 426 -4.65 -3.94 1.00
C ASP B 426 -3.46 -4.61 1.65
N ASN B 427 -2.25 -4.41 1.10
CA ASN B 427 -1.01 -5.06 1.54
C ASN B 427 -1.07 -6.56 1.51
N ASN B 428 -2.03 -7.11 0.73
CA ASN B 428 -2.16 -8.55 0.59
C ASN B 428 -2.01 -9.01 -0.86
N HIS B 429 -1.60 -8.11 -1.77
CA HIS B 429 -1.38 -8.46 -3.16
C HIS B 429 0.01 -7.95 -3.58
N LYS B 430 0.78 -8.80 -4.25
CA LYS B 430 2.08 -8.42 -4.81
C LYS B 430 1.95 -8.16 -6.30
N MET B 431 2.81 -7.30 -6.82
CA MET B 431 2.74 -6.90 -8.23
C MET B 431 3.56 -7.85 -9.09
N MET B 432 3.20 -7.93 -10.38
CA MET B 432 4.05 -8.57 -11.38
C MET B 432 3.94 -7.72 -12.65
N LEU B 433 5.00 -7.67 -13.46
CA LEU B 433 4.97 -6.78 -14.63
C LEU B 433 5.60 -7.47 -15.85
N GLY B 434 5.30 -6.92 -17.04
CA GLY B 434 6.05 -7.20 -18.27
C GLY B 434 5.34 -8.09 -19.28
N GLY B 435 4.32 -8.82 -18.86
CA GLY B 435 3.57 -9.69 -19.74
C GLY B 435 4.21 -11.06 -19.92
N ALA B 436 3.38 -12.00 -20.33
CA ALA B 436 3.81 -13.36 -20.62
C ALA B 436 3.54 -13.70 -22.09
N TRP B 437 3.91 -14.91 -22.49
CA TRP B 437 3.69 -15.33 -23.88
C TRP B 437 2.23 -15.23 -24.29
N VAL B 438 1.30 -15.41 -23.33
CA VAL B 438 -0.13 -15.45 -23.65
C VAL B 438 -0.77 -14.06 -23.61
N THR B 439 -0.04 -13.05 -23.12
CA THR B 439 -0.59 -11.72 -22.90
C THR B 439 -0.83 -10.99 -24.22
N GLN B 440 -2.00 -10.37 -24.32
CA GLN B 440 -2.46 -9.67 -25.52
C GLN B 440 -2.97 -8.28 -25.13
N GLY B 441 -3.15 -7.43 -26.14
CA GLY B 441 -3.81 -6.14 -25.92
C GLY B 441 -2.90 -5.13 -25.26
N THR B 442 -3.52 -4.12 -24.63
CA THR B 442 -2.70 -3.10 -23.97
C THR B 442 -1.96 -3.64 -22.76
N GLU B 443 -2.34 -4.84 -22.31
CA GLU B 443 -1.62 -5.53 -21.23
C GLU B 443 -0.20 -5.92 -21.64
N THR B 444 0.15 -5.86 -22.93
CA THR B 444 1.52 -6.11 -23.39
C THR B 444 2.39 -4.86 -23.30
N LEU B 445 1.81 -3.71 -22.98
CA LEU B 445 2.51 -2.44 -23.09
C LEU B 445 2.92 -1.91 -21.72
N LYS B 446 3.60 -0.75 -21.75
CA LYS B 446 4.35 -0.21 -20.61
C LYS B 446 3.49 0.03 -19.36
N TYR B 447 2.24 0.46 -19.51
CA TYR B 447 1.50 1.06 -18.40
C TYR B 447 0.69 0.07 -17.57
N TYR B 448 0.40 -1.11 -18.11
CA TYR B 448 -0.40 -2.08 -17.38
C TYR B 448 0.30 -2.47 -16.08
N ARG B 449 -0.46 -2.40 -14.98
CA ARG B 449 0.01 -2.78 -13.65
C ARG B 449 -0.79 -3.99 -13.19
N ASN B 450 -0.09 -5.05 -12.82
CA ASN B 450 -0.76 -6.32 -12.57
C ASN B 450 -0.45 -6.72 -11.13
N TRP B 451 -1.33 -7.55 -10.55
CA TRP B 451 -1.23 -7.85 -9.12
C TRP B 451 -1.98 -9.13 -8.79
N PHE B 452 -1.46 -9.88 -7.81
CA PHE B 452 -2.10 -11.11 -7.37
C PHE B 452 -1.75 -11.38 -5.91
N ARG B 453 -2.62 -12.11 -5.23
CA ARG B 453 -2.23 -12.64 -3.93
C ARG B 453 -0.97 -13.48 -4.08
N PRO B 454 -0.07 -13.47 -3.09
CA PRO B 454 1.25 -14.09 -3.25
C PRO B 454 1.22 -15.60 -3.40
N ASN B 455 0.11 -16.25 -3.06
CA ASN B 455 0.00 -17.69 -3.27
C ASN B 455 -0.49 -18.04 -4.66
N PHE B 456 -0.97 -17.08 -5.45
CA PHE B 456 -1.68 -17.39 -6.67
C PHE B 456 -0.72 -17.76 -7.81
N TYR B 457 -1.19 -18.62 -8.72
CA TYR B 457 -0.40 -19.07 -9.86
C TYR B 457 -0.84 -18.40 -11.16
N GLN B 458 0.14 -17.84 -11.87
CA GLN B 458 -0.03 -17.25 -13.19
C GLN B 458 1.08 -17.79 -14.09
N HIS B 459 1.11 -17.36 -15.36
CA HIS B 459 2.24 -17.66 -16.24
C HIS B 459 3.35 -16.69 -15.85
N ALA B 460 3.99 -16.97 -14.69
CA ALA B 460 4.78 -15.96 -13.98
C ALA B 460 5.99 -16.59 -13.32
N GLY B 461 7.12 -15.87 -13.39
CA GLY B 461 8.35 -16.29 -12.75
C GLY B 461 9.05 -15.11 -12.09
N PHE B 462 10.39 -15.09 -12.10
CA PHE B 462 11.11 -14.03 -11.40
C PHE B 462 12.58 -14.06 -11.80
N ARG B 463 13.29 -12.97 -11.47
CA ARG B 463 14.74 -12.92 -11.52
C ARG B 463 15.27 -12.44 -10.18
N ILE B 464 16.56 -12.69 -9.92
CA ILE B 464 17.10 -12.30 -8.61
C ILE B 464 17.96 -11.06 -8.78
N VAL B 465 17.95 -10.22 -7.74
CA VAL B 465 18.75 -9.01 -7.70
C VAL B 465 19.41 -8.85 -6.33
N THR B 466 20.42 -7.98 -6.28
CA THR B 466 21.03 -7.53 -5.03
C THR B 466 21.17 -6.02 -5.04
N ASN B 467 21.26 -5.45 -3.83
CA ASN B 467 21.43 -4.00 -3.68
C ASN B 467 22.70 -3.53 -4.32
N HIS B 468 23.77 -4.30 -4.18
CA HIS B 468 25.11 -3.91 -4.55
C HIS B 468 25.81 -5.18 -5.02
#